data_2NSW
#
_entry.id   2NSW
#
_entity_poly.entity_id   1
_entity_poly.type   'polypeptide(L)'
_entity_poly.pdbx_seq_one_letter_code
;DIEDFYTSETCPYKNDSQLAWDTCSGGTGNCGTVCCGQCFSFPVSQSCAGMADSNDCPNA
;
_entity_poly.pdbx_strand_id   A
#
# COMPACT_ATOMS: atom_id res chain seq x y z
N ASP A 1 8.47 -8.32 5.14
CA ASP A 1 7.23 -9.05 5.29
C ASP A 1 6.08 -8.06 5.41
N ILE A 2 5.19 -8.10 4.42
CA ILE A 2 4.04 -7.22 4.40
C ILE A 2 2.78 -8.01 4.74
N GLU A 3 2.72 -9.22 4.20
CA GLU A 3 1.57 -10.09 4.43
C GLU A 3 1.35 -10.27 5.94
N ASP A 4 2.45 -10.24 6.68
CA ASP A 4 2.39 -10.40 8.12
C ASP A 4 1.83 -9.12 8.75
N PHE A 5 1.77 -8.07 7.93
CA PHE A 5 1.27 -6.79 8.39
C PHE A 5 0.06 -6.35 7.56
N TYR A 6 -0.51 -7.30 6.83
CA TYR A 6 -1.65 -7.02 6.00
C TYR A 6 -2.93 -6.95 6.84
N THR A 7 -3.74 -5.95 6.52
CA THR A 7 -5.00 -5.75 7.24
C THR A 7 -6.18 -5.89 6.29
N SER A 8 -6.64 -7.12 6.14
CA SER A 8 -7.77 -7.40 5.26
C SER A 8 -9.06 -6.89 5.89
N GLU A 9 -8.93 -6.37 7.10
CA GLU A 9 -10.08 -5.84 7.82
C GLU A 9 -10.50 -4.50 7.24
N THR A 10 -9.51 -3.66 6.99
CA THR A 10 -9.76 -2.34 6.43
C THR A 10 -9.41 -2.32 4.94
N CYS A 11 -8.51 -3.21 4.57
CA CYS A 11 -8.08 -3.30 3.18
C CYS A 11 -9.29 -3.72 2.33
N PRO A 12 -9.44 -3.04 1.17
CA PRO A 12 -10.53 -3.33 0.26
C PRO A 12 -10.29 -4.64 -0.50
N TYR A 13 -9.09 -5.20 -0.29
CA TYR A 13 -8.73 -6.44 -0.93
C TYR A 13 -8.52 -7.55 0.09
N LYS A 14 -9.15 -8.69 -0.19
CA LYS A 14 -9.05 -9.84 0.70
C LYS A 14 -8.49 -11.02 -0.07
N ASN A 15 -7.64 -10.71 -1.04
CA ASN A 15 -7.02 -11.74 -1.87
C ASN A 15 -5.59 -11.98 -1.38
N ASP A 16 -4.83 -10.90 -1.34
CA ASP A 16 -3.44 -10.98 -0.90
C ASP A 16 -2.93 -9.58 -0.59
N SER A 17 -1.87 -9.53 0.21
CA SER A 17 -1.28 -8.26 0.59
C SER A 17 -0.55 -7.64 -0.61
N GLN A 18 -0.04 -8.53 -1.46
CA GLN A 18 0.68 -8.08 -2.65
C GLN A 18 -0.27 -7.38 -3.62
N LEU A 19 -1.54 -7.77 -3.53
CA LEU A 19 -2.56 -7.19 -4.40
C LEU A 19 -2.76 -5.72 -4.02
N ALA A 20 -3.26 -5.52 -2.81
CA ALA A 20 -3.51 -4.18 -2.31
C ALA A 20 -2.21 -3.36 -2.40
N TRP A 21 -1.10 -4.05 -2.18
CA TRP A 21 0.20 -3.41 -2.23
C TRP A 21 0.52 -3.09 -3.70
N ASP A 22 0.17 -4.03 -4.56
CA ASP A 22 0.40 -3.87 -5.98
C ASP A 22 -0.44 -2.71 -6.51
N THR A 23 -1.40 -2.30 -5.69
CA THR A 23 -2.27 -1.20 -6.06
C THR A 23 -1.67 0.14 -5.61
N CYS A 24 -1.58 0.30 -4.30
CA CYS A 24 -1.03 1.51 -3.74
C CYS A 24 0.44 1.61 -4.13
N SER A 25 1.24 0.71 -3.57
CA SER A 25 2.65 0.67 -3.86
C SER A 25 2.91 -0.03 -5.19
N GLY A 26 2.20 0.44 -6.22
CA GLY A 26 2.34 -0.13 -7.54
C GLY A 26 2.72 0.94 -8.56
N GLY A 27 2.80 2.17 -8.08
CA GLY A 27 3.16 3.29 -8.94
C GLY A 27 1.90 4.01 -9.44
N THR A 28 0.83 3.25 -9.57
CA THR A 28 -0.43 3.80 -10.04
C THR A 28 -1.58 3.34 -9.13
N GLY A 29 -2.79 3.68 -9.55
CA GLY A 29 -3.97 3.30 -8.81
C GLY A 29 -4.32 4.35 -7.75
N ASN A 30 -4.15 3.95 -6.49
CA ASN A 30 -4.43 4.85 -5.38
C ASN A 30 -3.25 4.83 -4.41
N CYS A 31 -2.09 5.15 -4.94
CA CYS A 31 -0.87 5.17 -4.13
C CYS A 31 -0.91 6.41 -3.24
N GLY A 32 -0.22 6.32 -2.12
CA GLY A 32 -0.17 7.42 -1.18
C GLY A 32 0.22 6.94 0.22
N THR A 33 0.21 7.87 1.16
CA THR A 33 0.56 7.55 2.53
C THR A 33 -0.66 7.01 3.29
N VAL A 34 -1.79 7.02 2.60
CA VAL A 34 -3.04 6.54 3.17
C VAL A 34 -3.00 5.01 3.25
N CYS A 35 -2.53 4.41 2.16
CA CYS A 35 -2.45 2.96 2.08
C CYS A 35 -1.46 2.49 3.15
N CYS A 36 -0.69 3.43 3.67
CA CYS A 36 0.30 3.13 4.69
C CYS A 36 -0.42 2.45 5.85
N GLY A 37 -1.47 3.10 6.33
CA GLY A 37 -2.25 2.57 7.43
C GLY A 37 -3.66 2.19 6.98
N GLN A 38 -3.72 1.59 5.80
CA GLN A 38 -5.01 1.17 5.24
C GLN A 38 -5.03 -0.35 5.05
N CYS A 39 -4.02 -0.83 4.34
CA CYS A 39 -3.92 -2.25 4.07
C CYS A 39 -2.74 -2.81 4.89
N PHE A 40 -1.84 -1.92 5.25
CA PHE A 40 -0.67 -2.30 6.02
C PHE A 40 -0.42 -1.31 7.17
N SER A 41 0.68 -1.53 7.87
CA SER A 41 1.05 -0.68 8.98
C SER A 41 2.56 -0.68 9.17
N PHE A 42 3.05 0.38 9.80
CA PHE A 42 4.48 0.50 10.05
C PHE A 42 5.03 -0.73 10.78
N PRO A 43 6.35 -0.98 10.57
CA PRO A 43 7.15 -0.11 9.73
C PRO A 43 6.85 -0.35 8.25
N VAL A 44 5.82 -1.16 8.01
CA VAL A 44 5.43 -1.48 6.65
C VAL A 44 4.80 -0.24 6.00
N SER A 45 4.03 0.48 6.81
CA SER A 45 3.37 1.69 6.32
C SER A 45 4.39 2.60 5.64
N GLN A 46 5.65 2.40 6.00
CA GLN A 46 6.72 3.19 5.44
C GLN A 46 7.06 2.71 4.02
N SER A 47 6.88 1.42 3.83
CA SER A 47 7.16 0.82 2.53
C SER A 47 6.05 1.15 1.54
N CYS A 48 4.83 1.16 2.05
CA CYS A 48 3.66 1.47 1.23
C CYS A 48 3.85 2.87 0.65
N ALA A 49 4.07 3.82 1.55
CA ALA A 49 4.26 5.21 1.14
C ALA A 49 5.64 5.36 0.51
N GLY A 50 6.40 4.28 0.55
CA GLY A 50 7.74 4.28 0.01
C GLY A 50 7.75 3.77 -1.44
N MET A 51 7.13 2.62 -1.63
CA MET A 51 7.04 2.01 -2.95
C MET A 51 5.85 2.57 -3.73
N ALA A 52 5.31 3.66 -3.22
CA ALA A 52 4.17 4.31 -3.86
C ALA A 52 4.66 5.32 -4.90
N ASP A 53 5.80 5.01 -5.48
CA ASP A 53 6.40 5.88 -6.49
C ASP A 53 6.63 7.26 -5.88
N SER A 54 7.48 8.03 -6.53
CA SER A 54 7.79 9.37 -6.08
C SER A 54 7.00 10.40 -6.89
N ASN A 55 7.46 10.61 -8.12
CA ASN A 55 6.81 11.56 -9.00
C ASN A 55 6.16 10.81 -10.16
N ASP A 56 6.46 9.52 -10.23
CA ASP A 56 5.91 8.68 -11.28
C ASP A 56 4.44 8.39 -10.98
N CYS A 57 4.08 8.58 -9.72
CA CYS A 57 2.71 8.34 -9.29
C CYS A 57 1.84 9.50 -9.78
N PRO A 58 0.50 9.26 -9.77
CA PRO A 58 -0.43 10.27 -10.22
C PRO A 58 -0.59 11.38 -9.17
N ASN A 59 0.54 11.98 -8.82
CA ASN A 59 0.55 13.05 -7.83
C ASN A 59 0.42 14.40 -8.54
N ALA A 60 0.12 15.42 -7.77
CA ALA A 60 -0.02 16.76 -8.30
C ALA A 60 1.31 17.22 -8.91
N ASP A 1 8.08 -9.06 6.72
CA ASP A 1 7.06 -9.46 5.77
C ASP A 1 5.87 -8.50 5.87
N ILE A 2 5.30 -8.21 4.70
CA ILE A 2 4.16 -7.32 4.63
C ILE A 2 2.88 -8.10 4.95
N GLU A 3 2.84 -9.33 4.44
CA GLU A 3 1.69 -10.19 4.66
C GLU A 3 1.39 -10.30 6.16
N ASP A 4 2.44 -10.19 6.95
CA ASP A 4 2.29 -10.28 8.39
C ASP A 4 1.68 -8.99 8.92
N PHE A 5 1.51 -8.03 8.02
CA PHE A 5 0.93 -6.75 8.37
C PHE A 5 -0.25 -6.40 7.47
N TYR A 6 -0.74 -7.43 6.76
CA TYR A 6 -1.85 -7.25 5.85
C TYR A 6 -3.18 -7.19 6.62
N THR A 7 -3.72 -5.98 6.70
CA THR A 7 -4.98 -5.77 7.40
C THR A 7 -6.16 -5.89 6.44
N SER A 8 -6.62 -7.11 6.26
CA SER A 8 -7.74 -7.38 5.37
C SER A 8 -9.03 -6.83 5.98
N GLU A 9 -8.91 -6.34 7.20
CA GLU A 9 -10.05 -5.78 7.90
C GLU A 9 -10.45 -4.44 7.28
N THR A 10 -9.45 -3.58 7.12
CA THR A 10 -9.68 -2.26 6.56
C THR A 10 -9.36 -2.27 5.06
N CYS A 11 -8.47 -3.17 4.69
CA CYS A 11 -8.06 -3.29 3.29
C CYS A 11 -9.28 -3.73 2.47
N PRO A 12 -9.45 -3.06 1.29
CA PRO A 12 -10.56 -3.37 0.42
C PRO A 12 -10.33 -4.70 -0.32
N TYR A 13 -9.12 -5.22 -0.16
CA TYR A 13 -8.77 -6.47 -0.81
C TYR A 13 -8.60 -7.59 0.23
N LYS A 14 -9.03 -8.78 -0.14
CA LYS A 14 -8.94 -9.93 0.74
C LYS A 14 -8.40 -11.12 -0.05
N ASN A 15 -7.61 -10.82 -1.08
CA ASN A 15 -7.04 -11.86 -1.91
C ASN A 15 -5.57 -12.09 -1.49
N ASP A 16 -4.82 -11.01 -1.48
CA ASP A 16 -3.41 -11.08 -1.12
C ASP A 16 -2.91 -9.67 -0.79
N SER A 17 -1.90 -9.63 0.08
CA SER A 17 -1.33 -8.36 0.48
C SER A 17 -0.62 -7.70 -0.71
N GLN A 18 -0.04 -8.55 -1.55
CA GLN A 18 0.68 -8.07 -2.72
C GLN A 18 -0.30 -7.42 -3.70
N LEU A 19 -1.57 -7.79 -3.56
CA LEU A 19 -2.60 -7.24 -4.42
C LEU A 19 -2.85 -5.77 -4.04
N ALA A 20 -3.30 -5.58 -2.81
CA ALA A 20 -3.57 -4.24 -2.32
C ALA A 20 -2.31 -3.39 -2.42
N TRP A 21 -1.17 -4.04 -2.25
CA TRP A 21 0.10 -3.36 -2.33
C TRP A 21 0.37 -3.01 -3.79
N ASP A 22 0.00 -3.94 -4.66
CA ASP A 22 0.19 -3.74 -6.09
C ASP A 22 -0.68 -2.57 -6.57
N THR A 23 -1.58 -2.15 -5.68
CA THR A 23 -2.47 -1.05 -6.00
C THR A 23 -1.84 0.28 -5.59
N CYS A 24 -1.61 0.41 -4.29
CA CYS A 24 -1.02 1.62 -3.74
C CYS A 24 0.47 1.63 -4.12
N SER A 25 1.21 0.75 -3.47
CA SER A 25 2.64 0.64 -3.71
C SER A 25 2.89 -0.19 -4.96
N GLY A 26 2.24 0.22 -6.04
CA GLY A 26 2.38 -0.47 -7.31
C GLY A 26 2.86 0.49 -8.40
N GLY A 27 2.98 1.75 -8.04
CA GLY A 27 3.42 2.77 -8.97
C GLY A 27 2.26 3.64 -9.43
N THR A 28 1.13 2.97 -9.68
CA THR A 28 -0.06 3.68 -10.12
C THR A 28 -1.27 3.27 -9.27
N GLY A 29 -2.42 3.82 -9.63
CA GLY A 29 -3.65 3.53 -8.91
C GLY A 29 -3.92 4.59 -7.85
N ASN A 30 -4.12 4.12 -6.62
CA ASN A 30 -4.40 5.01 -5.51
C ASN A 30 -3.22 4.99 -4.54
N CYS A 31 -2.04 5.26 -5.09
CA CYS A 31 -0.83 5.27 -4.28
C CYS A 31 -0.87 6.51 -3.38
N GLY A 32 -0.29 6.36 -2.20
CA GLY A 32 -0.25 7.45 -1.24
C GLY A 32 0.17 6.95 0.14
N THR A 33 0.19 7.88 1.10
CA THR A 33 0.58 7.54 2.45
C THR A 33 -0.62 7.00 3.22
N VAL A 34 -1.77 7.01 2.56
CA VAL A 34 -2.99 6.53 3.18
C VAL A 34 -2.95 4.99 3.24
N CYS A 35 -2.51 4.41 2.15
CA CYS A 35 -2.41 2.96 2.07
C CYS A 35 -1.42 2.48 3.13
N CYS A 36 -0.64 3.43 3.64
CA CYS A 36 0.35 3.12 4.66
C CYS A 36 -0.37 2.42 5.83
N GLY A 37 -1.42 3.07 6.31
CA GLY A 37 -2.18 2.52 7.42
C GLY A 37 -3.60 2.16 6.97
N GLN A 38 -3.68 1.54 5.80
CA GLN A 38 -4.96 1.14 5.25
C GLN A 38 -5.00 -0.38 5.04
N CYS A 39 -3.98 -0.87 4.35
CA CYS A 39 -3.88 -2.29 4.07
C CYS A 39 -2.70 -2.86 4.85
N PHE A 40 -1.79 -1.96 5.22
CA PHE A 40 -0.61 -2.35 5.96
C PHE A 40 -0.35 -1.38 7.12
N SER A 41 0.73 -1.65 7.84
CA SER A 41 1.11 -0.80 8.96
C SER A 41 2.63 -0.80 9.14
N PHE A 42 3.12 0.25 9.78
CA PHE A 42 4.55 0.37 10.01
C PHE A 42 5.11 -0.87 10.71
N PRO A 43 6.43 -1.10 10.49
CA PRO A 43 7.22 -0.22 9.66
C PRO A 43 6.90 -0.44 8.18
N VAL A 44 5.88 -1.23 7.94
CA VAL A 44 5.46 -1.54 6.58
C VAL A 44 4.83 -0.29 5.95
N SER A 45 4.06 0.42 6.77
CA SER A 45 3.40 1.62 6.32
C SER A 45 4.41 2.56 5.67
N GLN A 46 5.66 2.41 6.07
CA GLN A 46 6.72 3.23 5.54
C GLN A 46 7.09 2.79 4.13
N SER A 47 6.90 1.50 3.88
CA SER A 47 7.21 0.93 2.58
C SER A 47 6.11 1.30 1.58
N CYS A 48 4.87 1.25 2.07
CA CYS A 48 3.73 1.58 1.23
C CYS A 48 3.95 2.96 0.62
N ALA A 49 4.09 3.95 1.50
CA ALA A 49 4.31 5.31 1.05
C ALA A 49 5.66 5.40 0.34
N GLY A 50 6.47 4.37 0.53
CA GLY A 50 7.78 4.32 -0.08
C GLY A 50 7.68 3.84 -1.53
N MET A 51 7.06 2.68 -1.69
CA MET A 51 6.89 2.09 -3.01
C MET A 51 5.64 2.64 -3.70
N ALA A 52 5.13 3.74 -3.15
CA ALA A 52 3.94 4.37 -3.70
C ALA A 52 4.36 5.40 -4.74
N ASP A 53 5.53 5.17 -5.32
CA ASP A 53 6.05 6.07 -6.34
C ASP A 53 6.18 7.48 -5.75
N SER A 54 7.03 8.27 -6.39
CA SER A 54 7.26 9.64 -5.94
C SER A 54 6.66 10.62 -6.95
N ASN A 55 7.40 10.84 -8.02
CA ASN A 55 6.95 11.75 -9.06
C ASN A 55 6.40 10.95 -10.23
N ASP A 56 6.62 9.64 -10.17
CA ASP A 56 6.15 8.76 -11.22
C ASP A 56 4.64 8.57 -11.09
N CYS A 57 4.18 8.59 -9.85
CA CYS A 57 2.75 8.42 -9.59
C CYS A 57 2.00 9.61 -10.20
N PRO A 58 0.66 9.45 -10.30
CA PRO A 58 -0.17 10.50 -10.87
C PRO A 58 -0.34 11.66 -9.89
N ASN A 59 0.80 12.20 -9.48
CA ASN A 59 0.79 13.32 -8.54
C ASN A 59 0.75 14.63 -9.33
N ALA A 60 0.41 15.70 -8.62
CA ALA A 60 0.33 17.02 -9.23
C ALA A 60 0.05 18.06 -8.16
N ASP A 1 8.19 -9.21 6.50
CA ASP A 1 7.23 -9.40 5.42
C ASP A 1 6.08 -8.41 5.61
N ILE A 2 5.29 -8.26 4.55
CA ILE A 2 4.14 -7.36 4.58
C ILE A 2 2.89 -8.16 4.92
N GLU A 3 2.86 -9.39 4.43
CA GLU A 3 1.71 -10.26 4.67
C GLU A 3 1.43 -10.35 6.18
N ASP A 4 2.50 -10.27 6.95
CA ASP A 4 2.38 -10.34 8.40
C ASP A 4 1.79 -9.04 8.93
N PHE A 5 1.60 -8.10 8.01
CA PHE A 5 1.05 -6.80 8.38
C PHE A 5 -0.13 -6.44 7.48
N TYR A 6 -0.67 -7.45 6.82
CA TYR A 6 -1.80 -7.26 5.92
C TYR A 6 -3.10 -7.13 6.71
N THR A 7 -3.73 -5.96 6.56
CA THR A 7 -4.98 -5.70 7.25
C THR A 7 -6.16 -5.82 6.28
N SER A 8 -6.60 -7.04 6.08
CA SER A 8 -7.72 -7.30 5.19
C SER A 8 -9.00 -6.67 5.74
N GLU A 9 -8.89 -6.19 6.98
CA GLU A 9 -10.03 -5.57 7.63
C GLU A 9 -10.32 -4.20 6.98
N THR A 10 -9.32 -3.35 7.01
CA THR A 10 -9.45 -2.03 6.43
C THR A 10 -9.16 -2.06 4.92
N CYS A 11 -8.30 -3.01 4.55
CA CYS A 11 -7.93 -3.16 3.15
C CYS A 11 -9.18 -3.56 2.36
N PRO A 12 -9.33 -2.93 1.17
CA PRO A 12 -10.48 -3.21 0.31
C PRO A 12 -10.33 -4.56 -0.39
N TYR A 13 -9.11 -5.10 -0.30
CA TYR A 13 -8.82 -6.38 -0.92
C TYR A 13 -8.44 -7.42 0.14
N LYS A 14 -8.94 -8.63 -0.06
CA LYS A 14 -8.65 -9.72 0.86
C LYS A 14 -8.21 -10.95 0.07
N ASN A 15 -7.55 -10.68 -1.04
CA ASN A 15 -7.06 -11.76 -1.89
C ASN A 15 -5.58 -12.02 -1.59
N ASP A 16 -4.84 -10.92 -1.44
CA ASP A 16 -3.42 -11.03 -1.14
C ASP A 16 -2.91 -9.67 -0.67
N SER A 17 -1.88 -9.71 0.16
CA SER A 17 -1.29 -8.49 0.69
C SER A 17 -0.55 -7.75 -0.40
N GLN A 18 0.06 -8.52 -1.29
CA GLN A 18 0.82 -7.94 -2.39
C GLN A 18 -0.15 -7.35 -3.43
N LEU A 19 -1.36 -7.87 -3.43
CA LEU A 19 -2.37 -7.40 -4.36
C LEU A 19 -2.69 -5.93 -4.08
N ALA A 20 -3.14 -5.69 -2.85
CA ALA A 20 -3.49 -4.34 -2.44
C ALA A 20 -2.25 -3.45 -2.55
N TRP A 21 -1.11 -4.05 -2.27
CA TRP A 21 0.15 -3.32 -2.33
C TRP A 21 0.42 -2.96 -3.80
N ASP A 22 0.13 -3.92 -4.66
CA ASP A 22 0.34 -3.72 -6.09
C ASP A 22 -0.59 -2.60 -6.58
N THR A 23 -1.55 -2.26 -5.73
CA THR A 23 -2.50 -1.21 -6.07
C THR A 23 -1.97 0.16 -5.63
N CYS A 24 -1.55 0.21 -4.38
CA CYS A 24 -1.02 1.45 -3.82
C CYS A 24 0.45 1.55 -4.20
N SER A 25 1.24 0.69 -3.57
CA SER A 25 2.68 0.67 -3.83
C SER A 25 2.97 -0.10 -5.12
N GLY A 26 2.27 0.31 -6.17
CA GLY A 26 2.45 -0.34 -7.46
C GLY A 26 2.82 0.70 -8.54
N GLY A 27 2.88 1.95 -8.11
CA GLY A 27 3.22 3.03 -9.02
C GLY A 27 1.97 3.85 -9.40
N THR A 28 0.92 3.13 -9.73
CA THR A 28 -0.33 3.77 -10.11
C THR A 28 -1.46 3.31 -9.20
N GLY A 29 -2.64 3.87 -9.44
CA GLY A 29 -3.81 3.52 -8.65
C GLY A 29 -3.99 4.49 -7.48
N ASN A 30 -4.30 3.93 -6.32
CA ASN A 30 -4.51 4.73 -5.13
C ASN A 30 -3.20 4.80 -4.33
N CYS A 31 -2.10 4.88 -5.07
CA CYS A 31 -0.79 4.95 -4.45
C CYS A 31 -0.71 6.24 -3.63
N GLY A 32 -0.26 6.09 -2.39
CA GLY A 32 -0.14 7.22 -1.50
C GLY A 32 0.28 6.78 -0.09
N THR A 33 0.34 7.73 0.81
CA THR A 33 0.72 7.46 2.19
C THR A 33 -0.49 6.99 2.99
N VAL A 34 -1.65 7.02 2.33
CA VAL A 34 -2.88 6.60 2.98
C VAL A 34 -2.91 5.08 3.09
N CYS A 35 -2.47 4.43 2.02
CA CYS A 35 -2.44 2.99 1.97
C CYS A 35 -1.47 2.49 3.05
N CYS A 36 -0.68 3.43 3.56
CA CYS A 36 0.29 3.11 4.60
C CYS A 36 -0.46 2.44 5.76
N GLY A 37 -1.50 3.11 6.22
CA GLY A 37 -2.30 2.59 7.31
C GLY A 37 -3.72 2.24 6.84
N GLN A 38 -3.79 1.67 5.65
CA GLN A 38 -5.07 1.29 5.08
C GLN A 38 -5.10 -0.22 4.80
N CYS A 39 -4.02 -0.71 4.22
CA CYS A 39 -3.91 -2.12 3.91
C CYS A 39 -2.79 -2.72 4.77
N PHE A 40 -1.86 -1.86 5.15
CA PHE A 40 -0.75 -2.30 5.97
C PHE A 40 -0.49 -1.31 7.12
N SER A 41 0.60 -1.55 7.83
CA SER A 41 0.97 -0.69 8.94
C SER A 41 2.49 -0.70 9.13
N PHE A 42 2.98 0.36 9.76
CA PHE A 42 4.41 0.49 10.01
C PHE A 42 4.95 -0.74 10.76
N PRO A 43 6.28 -0.97 10.59
CA PRO A 43 7.09 -0.10 9.75
C PRO A 43 6.82 -0.37 8.27
N VAL A 44 5.80 -1.17 8.02
CA VAL A 44 5.43 -1.51 6.65
C VAL A 44 4.81 -0.29 5.99
N SER A 45 4.01 0.43 6.76
CA SER A 45 3.35 1.62 6.26
C SER A 45 4.36 2.54 5.58
N GLN A 46 5.61 2.38 5.99
CA GLN A 46 6.69 3.18 5.43
C GLN A 46 7.05 2.71 4.02
N SER A 47 6.88 1.41 3.82
CA SER A 47 7.19 0.81 2.53
C SER A 47 6.08 1.13 1.53
N CYS A 48 4.86 1.14 2.05
CA CYS A 48 3.69 1.43 1.22
C CYS A 48 3.86 2.84 0.62
N ALA A 49 4.11 3.79 1.51
CA ALA A 49 4.29 5.17 1.09
C ALA A 49 5.69 5.33 0.50
N GLY A 50 6.43 4.23 0.49
CA GLY A 50 7.79 4.24 -0.05
C GLY A 50 7.81 3.68 -1.47
N MET A 51 7.15 2.55 -1.64
CA MET A 51 7.10 1.91 -2.94
C MET A 51 5.96 2.47 -3.79
N ALA A 52 5.39 3.57 -3.30
CA ALA A 52 4.30 4.22 -4.01
C ALA A 52 4.87 5.26 -4.98
N ASP A 53 6.02 4.93 -5.52
CA ASP A 53 6.69 5.82 -6.47
C ASP A 53 6.78 7.21 -5.86
N SER A 54 7.40 8.12 -6.61
CA SER A 54 7.58 9.48 -6.17
C SER A 54 6.85 10.44 -7.11
N ASN A 55 7.43 10.58 -8.30
CA ASN A 55 6.85 11.45 -9.31
C ASN A 55 5.76 10.69 -10.08
N ASP A 56 5.79 9.38 -9.94
CA ASP A 56 4.82 8.53 -10.62
C ASP A 56 3.48 8.64 -9.90
N CYS A 57 3.55 8.83 -8.59
CA CYS A 57 2.35 8.95 -7.78
C CYS A 57 1.67 10.27 -8.13
N PRO A 58 0.31 10.25 -8.05
CA PRO A 58 -0.47 11.44 -8.36
C PRO A 58 -0.39 12.47 -7.22
N ASN A 59 0.83 12.86 -6.91
CA ASN A 59 1.07 13.83 -5.85
C ASN A 59 1.01 15.24 -6.43
N ALA A 60 0.80 16.20 -5.55
CA ALA A 60 0.72 17.59 -5.96
C ALA A 60 0.61 18.48 -4.72
N ASP A 1 8.61 -8.36 5.02
CA ASP A 1 7.35 -9.08 4.94
C ASP A 1 6.19 -8.11 5.18
N ILE A 2 5.27 -8.09 4.22
CA ILE A 2 4.12 -7.21 4.30
C ILE A 2 2.89 -8.03 4.64
N GLU A 3 2.85 -9.23 4.09
CA GLU A 3 1.73 -10.13 4.33
C GLU A 3 1.50 -10.32 5.83
N ASP A 4 2.60 -10.25 6.57
CA ASP A 4 2.53 -10.41 8.01
C ASP A 4 1.94 -9.15 8.64
N PHE A 5 1.87 -8.09 7.82
CA PHE A 5 1.33 -6.82 8.28
C PHE A 5 0.11 -6.42 7.45
N TYR A 6 -0.42 -7.39 6.72
CA TYR A 6 -1.58 -7.15 5.90
C TYR A 6 -2.86 -7.09 6.73
N THR A 7 -3.66 -6.06 6.48
CA THR A 7 -4.90 -5.89 7.20
C THR A 7 -6.09 -6.04 6.26
N SER A 8 -6.52 -7.28 6.07
CA SER A 8 -7.65 -7.57 5.19
C SER A 8 -8.95 -7.09 5.84
N GLU A 9 -8.82 -6.59 7.06
CA GLU A 9 -9.97 -6.10 7.79
C GLU A 9 -10.41 -4.74 7.24
N THR A 10 -9.47 -3.82 7.19
CA THR A 10 -9.74 -2.48 6.69
C THR A 10 -9.43 -2.40 5.20
N CYS A 11 -8.51 -3.26 4.77
CA CYS A 11 -8.11 -3.30 3.38
C CYS A 11 -9.32 -3.72 2.54
N PRO A 12 -9.51 -3.00 1.40
CA PRO A 12 -10.62 -3.28 0.51
C PRO A 12 -10.37 -4.56 -0.29
N TYR A 13 -9.20 -5.14 -0.08
CA TYR A 13 -8.82 -6.36 -0.76
C TYR A 13 -8.60 -7.51 0.23
N LYS A 14 -9.21 -8.65 -0.09
CA LYS A 14 -9.09 -9.81 0.77
C LYS A 14 -8.56 -10.99 -0.06
N ASN A 15 -7.70 -10.66 -1.02
CA ASN A 15 -7.11 -11.67 -1.87
C ASN A 15 -5.66 -11.91 -1.47
N ASP A 16 -4.90 -10.82 -1.43
CA ASP A 16 -3.50 -10.90 -1.06
C ASP A 16 -2.99 -9.50 -0.73
N SER A 17 -1.92 -9.46 0.06
CA SER A 17 -1.33 -8.19 0.45
C SER A 17 -0.64 -7.55 -0.77
N GLN A 18 -0.13 -8.40 -1.64
CA GLN A 18 0.56 -7.93 -2.83
C GLN A 18 -0.43 -7.21 -3.76
N LEU A 19 -1.70 -7.57 -3.61
CA LEU A 19 -2.75 -6.97 -4.41
C LEU A 19 -2.95 -5.52 -4.00
N ALA A 20 -3.41 -5.34 -2.76
CA ALA A 20 -3.66 -4.02 -2.23
C ALA A 20 -2.37 -3.19 -2.33
N TRP A 21 -1.25 -3.88 -2.17
CA TRP A 21 0.04 -3.23 -2.24
C TRP A 21 0.34 -2.92 -3.71
N ASP A 22 0.01 -3.88 -4.56
CA ASP A 22 0.24 -3.72 -5.99
C ASP A 22 -0.65 -2.58 -6.52
N THR A 23 -1.58 -2.17 -5.67
CA THR A 23 -2.50 -1.10 -6.04
C THR A 23 -1.87 0.27 -5.75
N CYS A 24 -1.57 0.48 -4.47
CA CYS A 24 -0.96 1.73 -4.04
C CYS A 24 0.53 1.68 -4.35
N SER A 25 1.21 0.79 -3.64
CA SER A 25 2.65 0.63 -3.83
C SER A 25 2.92 -0.19 -5.08
N GLY A 26 2.34 0.25 -6.18
CA GLY A 26 2.50 -0.43 -7.45
C GLY A 26 2.88 0.56 -8.56
N GLY A 27 3.16 1.79 -8.14
CA GLY A 27 3.54 2.84 -9.08
C GLY A 27 2.32 3.67 -9.49
N THR A 28 1.17 3.00 -9.54
CA THR A 28 -0.06 3.67 -9.91
C THR A 28 -1.17 3.32 -8.91
N GLY A 29 -2.39 3.35 -9.41
CA GLY A 29 -3.55 3.04 -8.58
C GLY A 29 -3.84 4.20 -7.61
N ASN A 30 -4.10 3.82 -6.36
CA ASN A 30 -4.38 4.80 -5.34
C ASN A 30 -3.18 4.92 -4.40
N CYS A 31 -2.00 4.97 -5.00
CA CYS A 31 -0.77 5.08 -4.23
C CYS A 31 -0.82 6.39 -3.44
N GLY A 32 -0.40 6.31 -2.19
CA GLY A 32 -0.38 7.47 -1.32
C GLY A 32 0.06 7.09 0.10
N THR A 33 -0.03 8.08 0.99
CA THR A 33 0.36 7.87 2.37
C THR A 33 -0.81 7.27 3.16
N VAL A 34 -1.95 7.19 2.50
CA VAL A 34 -3.14 6.65 3.13
C VAL A 34 -3.11 5.13 3.05
N CYS A 35 -2.56 4.64 1.95
CA CYS A 35 -2.46 3.20 1.74
C CYS A 35 -1.55 2.61 2.83
N CYS A 36 -0.77 3.49 3.43
CA CYS A 36 0.13 3.07 4.49
C CYS A 36 -0.67 2.36 5.56
N GLY A 37 -1.33 3.16 6.39
CA GLY A 37 -2.13 2.62 7.47
C GLY A 37 -3.54 2.26 6.98
N GLN A 38 -3.57 1.54 5.86
CA GLN A 38 -4.84 1.12 5.27
C GLN A 38 -4.91 -0.40 5.19
N CYS A 39 -3.95 -0.97 4.46
CA CYS A 39 -3.90 -2.41 4.30
C CYS A 39 -2.65 -2.93 5.02
N PHE A 40 -1.78 -1.99 5.38
CA PHE A 40 -0.55 -2.35 6.08
C PHE A 40 -0.31 -1.39 7.25
N SER A 41 0.73 -1.71 8.02
CA SER A 41 1.09 -0.90 9.16
C SER A 41 2.61 -0.84 9.31
N PHE A 42 3.07 0.20 10.00
CA PHE A 42 4.49 0.38 10.23
C PHE A 42 5.11 -0.87 10.85
N PRO A 43 6.44 -1.04 10.61
CA PRO A 43 7.17 -0.09 9.78
C PRO A 43 6.84 -0.26 8.30
N VAL A 44 5.86 -1.12 8.05
CA VAL A 44 5.43 -1.39 6.69
C VAL A 44 4.71 -0.15 6.14
N SER A 45 3.95 0.50 7.02
CA SER A 45 3.21 1.68 6.64
C SER A 45 4.14 2.69 5.97
N GLN A 46 5.43 2.50 6.20
CA GLN A 46 6.43 3.38 5.62
C GLN A 46 6.85 2.88 4.24
N SER A 47 6.69 1.59 4.03
CA SER A 47 7.04 0.97 2.76
C SER A 47 5.99 1.31 1.71
N CYS A 48 4.74 1.33 2.14
CA CYS A 48 3.64 1.63 1.25
C CYS A 48 3.94 2.97 0.56
N ALA A 49 3.95 4.03 1.38
CA ALA A 49 4.21 5.36 0.86
C ALA A 49 5.60 5.38 0.21
N GLY A 50 6.39 4.36 0.52
CA GLY A 50 7.73 4.25 -0.03
C GLY A 50 7.69 3.70 -1.45
N MET A 51 7.03 2.56 -1.60
CA MET A 51 6.92 1.92 -2.90
C MET A 51 5.74 2.49 -3.68
N ALA A 52 5.25 3.63 -3.22
CA ALA A 52 4.12 4.28 -3.87
C ALA A 52 4.65 5.27 -4.91
N ASP A 53 5.76 4.88 -5.54
CA ASP A 53 6.37 5.71 -6.55
C ASP A 53 6.68 7.10 -5.96
N SER A 54 7.51 7.84 -6.67
CA SER A 54 7.89 9.17 -6.23
C SER A 54 7.06 10.22 -6.95
N ASN A 55 7.54 10.62 -8.12
CA ASN A 55 6.86 11.63 -8.92
C ASN A 55 6.19 10.94 -10.11
N ASP A 56 6.49 9.66 -10.27
CA ASP A 56 5.92 8.88 -11.35
C ASP A 56 4.46 8.58 -11.05
N CYS A 57 4.12 8.64 -9.78
CA CYS A 57 2.76 8.38 -9.33
C CYS A 57 1.90 9.58 -9.68
N PRO A 58 0.57 9.32 -9.84
CA PRO A 58 -0.36 10.38 -10.17
C PRO A 58 -0.65 11.25 -8.95
N ASN A 59 0.42 11.79 -8.38
CA ASN A 59 0.29 12.65 -7.21
C ASN A 59 0.21 14.11 -7.66
N ALA A 60 -0.21 14.96 -6.73
CA ALA A 60 -0.34 16.37 -7.01
C ALA A 60 -0.91 16.56 -8.42
N ASP A 1 8.56 -9.20 5.18
CA ASP A 1 7.25 -9.78 5.00
C ASP A 1 6.17 -8.75 5.32
N ILE A 2 5.35 -8.48 4.32
CA ILE A 2 4.28 -7.50 4.48
C ILE A 2 2.98 -8.25 4.81
N GLU A 3 2.86 -9.45 4.27
CA GLU A 3 1.68 -10.26 4.50
C GLU A 3 1.44 -10.45 6.00
N ASP A 4 2.54 -10.43 6.74
CA ASP A 4 2.47 -10.59 8.18
C ASP A 4 1.93 -9.31 8.82
N PHE A 5 1.75 -8.30 7.97
CA PHE A 5 1.24 -7.03 8.44
C PHE A 5 0.03 -6.60 7.61
N TYR A 6 -0.55 -7.56 6.90
CA TYR A 6 -1.71 -7.29 6.07
C TYR A 6 -2.98 -7.22 6.92
N THR A 7 -3.77 -6.19 6.66
CA THR A 7 -5.01 -5.99 7.40
C THR A 7 -6.19 -5.95 6.42
N SER A 8 -6.74 -7.12 6.16
CA SER A 8 -7.87 -7.23 5.25
C SER A 8 -9.11 -6.57 5.88
N GLU A 9 -8.97 -6.20 7.14
CA GLU A 9 -10.05 -5.57 7.86
C GLU A 9 -10.31 -4.16 7.31
N THR A 10 -9.22 -3.43 7.11
CA THR A 10 -9.30 -2.07 6.60
C THR A 10 -9.00 -2.06 5.09
N CYS A 11 -8.21 -3.03 4.68
CA CYS A 11 -7.83 -3.15 3.27
C CYS A 11 -9.10 -3.44 2.47
N PRO A 12 -9.21 -2.75 1.30
CA PRO A 12 -10.36 -2.93 0.43
C PRO A 12 -10.26 -4.26 -0.33
N TYR A 13 -9.11 -4.91 -0.19
CA TYR A 13 -8.88 -6.17 -0.85
C TYR A 13 -8.53 -7.26 0.16
N LYS A 14 -9.09 -8.45 -0.06
CA LYS A 14 -8.85 -9.58 0.81
C LYS A 14 -8.41 -10.78 -0.01
N ASN A 15 -7.67 -10.49 -1.07
CA ASN A 15 -7.18 -11.54 -1.96
C ASN A 15 -5.73 -11.85 -1.61
N ASP A 16 -4.95 -10.78 -1.44
CA ASP A 16 -3.54 -10.93 -1.11
C ASP A 16 -2.99 -9.59 -0.62
N SER A 17 -1.92 -9.66 0.15
CA SER A 17 -1.30 -8.46 0.69
C SER A 17 -0.55 -7.73 -0.42
N GLN A 18 0.01 -8.51 -1.33
CA GLN A 18 0.76 -7.95 -2.45
C GLN A 18 -0.20 -7.33 -3.47
N LEU A 19 -1.44 -7.81 -3.44
CA LEU A 19 -2.45 -7.33 -4.36
C LEU A 19 -2.75 -5.85 -4.05
N ALA A 20 -3.17 -5.61 -2.81
CA ALA A 20 -3.49 -4.27 -2.38
C ALA A 20 -2.23 -3.39 -2.49
N TRP A 21 -1.09 -4.02 -2.26
CA TRP A 21 0.18 -3.31 -2.34
C TRP A 21 0.42 -2.92 -3.79
N ASP A 22 0.10 -3.85 -4.68
CA ASP A 22 0.27 -3.61 -6.11
C ASP A 22 -0.68 -2.51 -6.56
N THR A 23 -1.63 -2.20 -5.68
CA THR A 23 -2.61 -1.18 -5.99
C THR A 23 -2.06 0.21 -5.64
N CYS A 24 -1.64 0.34 -4.39
CA CYS A 24 -1.09 1.61 -3.91
C CYS A 24 0.40 1.63 -4.25
N SER A 25 1.16 0.82 -3.52
CA SER A 25 2.59 0.74 -3.73
C SER A 25 2.89 -0.14 -4.94
N GLY A 26 2.24 0.19 -6.05
CA GLY A 26 2.43 -0.57 -7.27
C GLY A 26 2.88 0.34 -8.42
N GLY A 27 3.13 1.60 -8.06
CA GLY A 27 3.56 2.58 -9.04
C GLY A 27 2.38 3.44 -9.51
N THR A 28 1.24 2.80 -9.64
CA THR A 28 0.03 3.48 -10.08
C THR A 28 -1.15 3.07 -9.22
N GLY A 29 -2.32 3.56 -9.61
CA GLY A 29 -3.54 3.27 -8.88
C GLY A 29 -3.82 4.32 -7.80
N ASN A 30 -4.12 3.83 -6.61
CA ASN A 30 -4.40 4.72 -5.49
C ASN A 30 -3.16 4.82 -4.60
N CYS A 31 -2.02 4.96 -5.24
CA CYS A 31 -0.76 5.06 -4.53
C CYS A 31 -0.79 6.34 -3.67
N GLY A 32 -0.56 6.15 -2.39
CA GLY A 32 -0.57 7.27 -1.45
C GLY A 32 -0.03 6.86 -0.08
N THR A 33 0.01 7.82 0.82
CA THR A 33 0.49 7.56 2.17
C THR A 33 -0.65 7.04 3.04
N VAL A 34 -1.84 7.04 2.48
CA VAL A 34 -3.02 6.57 3.20
C VAL A 34 -3.04 5.04 3.18
N CYS A 35 -2.57 4.49 2.08
CA CYS A 35 -2.54 3.04 1.92
C CYS A 35 -1.59 2.47 2.98
N CYS A 36 -0.81 3.36 3.58
CA CYS A 36 0.13 2.96 4.60
C CYS A 36 -0.63 2.22 5.69
N GLY A 37 -1.44 2.97 6.43
CA GLY A 37 -2.24 2.40 7.50
C GLY A 37 -3.66 2.09 7.04
N GLN A 38 -3.74 1.49 5.85
CA GLN A 38 -5.04 1.13 5.28
C GLN A 38 -5.11 -0.37 5.03
N CYS A 39 -3.98 -0.94 4.64
CA CYS A 39 -3.90 -2.36 4.37
C CYS A 39 -2.76 -2.95 5.20
N PHE A 40 -1.67 -2.21 5.26
CA PHE A 40 -0.50 -2.64 6.02
C PHE A 40 -0.24 -1.71 7.19
N SER A 41 0.79 -2.04 7.95
CA SER A 41 1.17 -1.24 9.11
C SER A 41 2.69 -1.14 9.21
N PHE A 42 3.15 -0.12 9.92
CA PHE A 42 4.57 0.10 10.10
C PHE A 42 5.24 -1.15 10.69
N PRO A 43 6.56 -1.27 10.41
CA PRO A 43 7.26 -0.28 9.61
C PRO A 43 6.90 -0.41 8.13
N VAL A 44 5.94 -1.27 7.87
CA VAL A 44 5.49 -1.51 6.50
C VAL A 44 4.74 -0.27 6.01
N SER A 45 3.96 0.32 6.90
CA SER A 45 3.18 1.50 6.56
C SER A 45 4.10 2.56 5.95
N GLN A 46 5.39 2.40 6.18
CA GLN A 46 6.37 3.33 5.66
C GLN A 46 6.80 2.92 4.25
N SER A 47 6.66 1.63 3.97
CA SER A 47 7.02 1.09 2.67
C SER A 47 5.97 1.48 1.63
N CYS A 48 4.72 1.46 2.07
CA CYS A 48 3.62 1.81 1.18
C CYS A 48 3.91 3.17 0.57
N ALA A 49 3.93 4.19 1.43
CA ALA A 49 4.19 5.55 0.98
C ALA A 49 5.56 5.59 0.28
N GLY A 50 6.36 4.56 0.53
CA GLY A 50 7.67 4.46 -0.07
C GLY A 50 7.59 3.95 -1.51
N MET A 51 6.97 2.79 -1.66
CA MET A 51 6.82 2.18 -2.97
C MET A 51 5.58 2.73 -3.68
N ALA A 52 5.07 3.83 -3.16
CA ALA A 52 3.90 4.46 -3.74
C ALA A 52 4.33 5.46 -4.81
N ASP A 53 5.53 5.24 -5.33
CA ASP A 53 6.06 6.12 -6.36
C ASP A 53 6.16 7.54 -5.82
N SER A 54 7.08 8.30 -6.40
CA SER A 54 7.29 9.68 -5.97
C SER A 54 6.63 10.63 -6.98
N ASN A 55 7.39 10.95 -8.02
CA ASN A 55 6.90 11.84 -9.05
C ASN A 55 6.39 11.02 -10.24
N ASP A 56 6.64 9.72 -10.16
CA ASP A 56 6.21 8.82 -11.21
C ASP A 56 4.70 8.61 -11.12
N CYS A 57 4.19 8.69 -9.89
CA CYS A 57 2.78 8.51 -9.65
C CYS A 57 2.05 9.78 -10.12
N PRO A 58 0.69 9.71 -10.05
CA PRO A 58 -0.13 10.84 -10.46
C PRO A 58 -0.09 11.96 -9.43
N ASN A 59 0.67 11.71 -8.37
CA ASN A 59 0.79 12.69 -7.30
C ASN A 59 1.80 13.78 -7.73
N ALA A 60 1.58 14.97 -7.19
CA ALA A 60 2.45 16.10 -7.51
C ALA A 60 2.17 17.24 -6.52
N ASP A 1 8.23 -9.55 6.35
CA ASP A 1 7.17 -9.74 5.38
C ASP A 1 6.09 -8.69 5.59
N ILE A 2 5.33 -8.45 4.54
CA ILE A 2 4.25 -7.47 4.59
C ILE A 2 2.94 -8.18 4.89
N GLU A 3 2.78 -9.35 4.28
CA GLU A 3 1.57 -10.14 4.48
C GLU A 3 1.32 -10.36 5.97
N ASP A 4 2.40 -10.43 6.72
CA ASP A 4 2.31 -10.64 8.16
C ASP A 4 1.84 -9.35 8.82
N PHE A 5 1.69 -8.32 8.00
CA PHE A 5 1.25 -7.02 8.51
C PHE A 5 0.06 -6.51 7.69
N TYR A 6 -0.50 -7.40 6.89
CA TYR A 6 -1.64 -7.04 6.05
C TYR A 6 -2.93 -7.01 6.87
N THR A 7 -3.78 -6.05 6.54
CA THR A 7 -5.05 -5.90 7.23
C THR A 7 -6.21 -5.89 6.23
N SER A 8 -6.69 -7.08 5.92
CA SER A 8 -7.80 -7.23 4.99
C SER A 8 -9.06 -6.58 5.56
N GLU A 9 -8.99 -6.25 6.84
CA GLU A 9 -10.11 -5.62 7.52
C GLU A 9 -10.33 -4.20 6.99
N THR A 10 -9.23 -3.46 6.94
CA THR A 10 -9.29 -2.08 6.45
C THR A 10 -8.96 -2.03 4.96
N CYS A 11 -8.15 -2.98 4.53
CA CYS A 11 -7.75 -3.05 3.14
C CYS A 11 -8.99 -3.34 2.29
N PRO A 12 -9.10 -2.59 1.16
CA PRO A 12 -10.24 -2.76 0.26
C PRO A 12 -10.11 -4.06 -0.55
N TYR A 13 -8.92 -4.63 -0.50
CA TYR A 13 -8.66 -5.87 -1.23
C TYR A 13 -8.45 -7.03 -0.26
N LYS A 14 -9.07 -8.15 -0.59
CA LYS A 14 -8.96 -9.34 0.24
C LYS A 14 -8.34 -10.47 -0.59
N ASN A 15 -7.48 -10.09 -1.52
CA ASN A 15 -6.82 -11.06 -2.36
C ASN A 15 -5.45 -11.42 -1.78
N ASP A 16 -4.61 -10.40 -1.65
CA ASP A 16 -3.28 -10.60 -1.11
C ASP A 16 -2.68 -9.23 -0.76
N SER A 17 -1.73 -9.27 0.17
CA SER A 17 -1.07 -8.05 0.59
C SER A 17 -0.29 -7.42 -0.57
N GLN A 18 0.24 -8.31 -1.41
CA GLN A 18 1.01 -7.86 -2.56
C GLN A 18 0.10 -7.14 -3.56
N LEU A 19 -1.15 -7.59 -3.61
CA LEU A 19 -2.12 -7.00 -4.51
C LEU A 19 -2.34 -5.54 -4.13
N ALA A 20 -2.89 -5.34 -2.94
CA ALA A 20 -3.15 -4.00 -2.44
C ALA A 20 -1.85 -3.19 -2.44
N TRP A 21 -0.76 -3.89 -2.19
CA TRP A 21 0.55 -3.27 -2.16
C TRP A 21 0.88 -2.79 -3.57
N ASP A 22 0.62 -3.67 -4.53
CA ASP A 22 0.89 -3.36 -5.93
C ASP A 22 -0.04 -2.23 -6.37
N THR A 23 -1.15 -2.10 -5.67
CA THR A 23 -2.13 -1.06 -5.98
C THR A 23 -1.58 0.31 -5.60
N CYS A 24 -1.36 0.49 -4.30
CA CYS A 24 -0.84 1.76 -3.80
C CYS A 24 0.68 1.75 -3.96
N SER A 25 1.30 0.78 -3.31
CA SER A 25 2.75 0.65 -3.38
C SER A 25 3.17 0.05 -4.72
N GLY A 26 2.70 0.67 -5.79
CA GLY A 26 3.00 0.21 -7.12
C GLY A 26 3.36 1.39 -8.05
N GLY A 27 2.68 1.42 -9.18
CA GLY A 27 2.91 2.48 -10.16
C GLY A 27 1.77 3.51 -10.13
N THR A 28 0.56 3.00 -10.29
CA THR A 28 -0.61 3.86 -10.29
C THR A 28 -1.63 3.36 -9.26
N GLY A 29 -2.90 3.66 -9.53
CA GLY A 29 -3.96 3.26 -8.64
C GLY A 29 -4.22 4.33 -7.58
N ASN A 30 -4.15 3.91 -6.32
CA ASN A 30 -4.38 4.82 -5.22
C ASN A 30 -3.15 4.82 -4.29
N CYS A 31 -2.01 5.15 -4.89
CA CYS A 31 -0.77 5.19 -4.13
C CYS A 31 -0.77 6.47 -3.28
N GLY A 32 -0.43 6.28 -2.01
CA GLY A 32 -0.38 7.39 -1.08
C GLY A 32 0.11 6.94 0.29
N THR A 33 0.18 7.90 1.20
CA THR A 33 0.64 7.62 2.55
C THR A 33 -0.52 7.12 3.41
N VAL A 34 -1.70 7.12 2.81
CA VAL A 34 -2.89 6.67 3.51
C VAL A 34 -2.98 5.14 3.44
N CYS A 35 -2.52 4.61 2.32
CA CYS A 35 -2.54 3.18 2.10
C CYS A 35 -1.63 2.53 3.14
N CYS A 36 -0.84 3.36 3.79
CA CYS A 36 0.09 2.89 4.81
C CYS A 36 -0.71 2.10 5.86
N GLY A 37 -1.38 2.84 6.72
CA GLY A 37 -2.19 2.22 7.77
C GLY A 37 -3.59 1.93 7.27
N GLN A 38 -3.66 1.42 6.04
CA GLN A 38 -4.94 1.09 5.44
C GLN A 38 -4.96 -0.38 5.01
N CYS A 39 -3.84 -0.82 4.45
CA CYS A 39 -3.72 -2.19 4.00
C CYS A 39 -2.66 -2.89 4.86
N PHE A 40 -1.70 -2.10 5.30
CA PHE A 40 -0.62 -2.61 6.13
C PHE A 40 -0.37 -1.71 7.33
N SER A 41 0.64 -2.08 8.12
CA SER A 41 0.98 -1.33 9.30
C SER A 41 2.50 -1.25 9.45
N PHE A 42 2.95 -0.24 10.18
CA PHE A 42 4.37 -0.06 10.41
C PHE A 42 5.01 -1.32 11.00
N PRO A 43 6.33 -1.46 10.76
CA PRO A 43 7.07 -0.47 9.99
C PRO A 43 6.75 -0.59 8.50
N VAL A 44 5.78 -1.44 8.21
CA VAL A 44 5.37 -1.65 6.83
C VAL A 44 4.65 -0.40 6.31
N SER A 45 3.86 0.19 7.20
CA SER A 45 3.11 1.39 6.85
C SER A 45 4.05 2.43 6.25
N GLN A 46 5.34 2.25 6.52
CA GLN A 46 6.35 3.17 6.01
C GLN A 46 6.79 2.76 4.61
N SER A 47 6.61 1.47 4.32
CA SER A 47 6.98 0.94 3.02
C SER A 47 5.96 1.36 1.96
N CYS A 48 4.70 1.36 2.39
CA CYS A 48 3.63 1.74 1.48
C CYS A 48 3.94 3.11 0.89
N ALA A 49 3.98 4.10 1.76
CA ALA A 49 4.28 5.47 1.33
C ALA A 49 5.64 5.49 0.64
N GLY A 50 6.41 4.45 0.90
CA GLY A 50 7.73 4.35 0.30
C GLY A 50 7.66 3.84 -1.14
N MET A 51 7.04 2.69 -1.30
CA MET A 51 6.88 2.10 -2.62
C MET A 51 5.62 2.62 -3.31
N ALA A 52 5.18 3.78 -2.86
CA ALA A 52 3.99 4.40 -3.42
C ALA A 52 4.38 5.23 -4.65
N ASP A 53 5.24 4.64 -5.47
CA ASP A 53 5.70 5.30 -6.68
C ASP A 53 6.29 6.66 -6.30
N SER A 54 6.91 7.29 -7.29
CA SER A 54 7.52 8.59 -7.08
C SER A 54 6.65 9.68 -7.70
N ASN A 55 6.93 9.98 -8.97
CA ASN A 55 6.18 10.99 -9.68
C ASN A 55 5.42 10.33 -10.84
N ASP A 56 5.73 9.07 -11.06
CA ASP A 56 5.08 8.31 -12.13
C ASP A 56 3.65 7.96 -11.70
N CYS A 57 3.34 8.33 -10.46
CA CYS A 57 2.02 8.05 -9.92
C CYS A 57 1.08 9.18 -10.35
N PRO A 58 -0.24 8.85 -10.40
CA PRO A 58 -1.24 9.83 -10.79
C PRO A 58 -1.50 10.83 -9.67
N ASN A 59 -0.43 11.47 -9.23
CA ASN A 59 -0.53 12.45 -8.16
C ASN A 59 -0.76 13.84 -8.77
N ALA A 60 -1.22 14.75 -7.93
CA ALA A 60 -1.47 16.11 -8.36
C ALA A 60 -2.24 16.08 -9.69
N ASP A 1 8.49 -8.54 4.93
CA ASP A 1 7.35 -9.14 5.59
C ASP A 1 6.21 -8.13 5.65
N ILE A 2 5.37 -8.17 4.62
CA ILE A 2 4.23 -7.27 4.54
C ILE A 2 2.95 -8.04 4.87
N GLU A 3 2.86 -9.24 4.31
CA GLU A 3 1.70 -10.08 4.52
C GLU A 3 1.44 -10.25 6.02
N ASP A 4 2.51 -10.15 6.79
CA ASP A 4 2.41 -10.30 8.23
C ASP A 4 1.78 -9.04 8.82
N PHE A 5 1.64 -8.03 7.98
CA PHE A 5 1.06 -6.77 8.40
C PHE A 5 -0.15 -6.40 7.53
N TYR A 6 -0.65 -7.40 6.81
CA TYR A 6 -1.79 -7.20 5.94
C TYR A 6 -3.09 -7.17 6.73
N THR A 7 -3.75 -6.02 6.71
CA THR A 7 -5.00 -5.84 7.42
C THR A 7 -6.18 -5.86 6.44
N SER A 8 -6.71 -7.05 6.22
CA SER A 8 -7.83 -7.21 5.31
C SER A 8 -9.09 -6.57 5.91
N GLU A 9 -8.96 -6.17 7.17
CA GLU A 9 -10.08 -5.54 7.86
C GLU A 9 -10.35 -4.15 7.28
N THR A 10 -9.28 -3.36 7.19
CA THR A 10 -9.40 -2.02 6.66
C THR A 10 -9.13 -2.02 5.16
N CYS A 11 -8.34 -2.99 4.72
CA CYS A 11 -8.01 -3.11 3.31
C CYS A 11 -9.29 -3.41 2.54
N PRO A 12 -9.43 -2.72 1.38
CA PRO A 12 -10.61 -2.90 0.53
C PRO A 12 -10.54 -4.24 -0.22
N TYR A 13 -9.32 -4.71 -0.40
CA TYR A 13 -9.11 -5.97 -1.09
C TYR A 13 -8.65 -7.07 -0.14
N LYS A 14 -8.42 -8.24 -0.69
CA LYS A 14 -7.98 -9.38 0.10
C LYS A 14 -7.19 -10.34 -0.78
N ASN A 15 -7.38 -11.62 -0.52
CA ASN A 15 -6.68 -12.65 -1.28
C ASN A 15 -5.21 -12.67 -0.89
N ASP A 16 -4.51 -11.62 -1.26
CA ASP A 16 -3.11 -11.49 -0.95
C ASP A 16 -2.77 -10.04 -0.61
N SER A 17 -1.69 -9.87 0.13
CA SER A 17 -1.26 -8.54 0.53
C SER A 17 -0.60 -7.83 -0.66
N GLN A 18 0.04 -8.62 -1.50
CA GLN A 18 0.72 -8.09 -2.67
C GLN A 18 -0.30 -7.49 -3.64
N LEU A 19 -1.55 -7.87 -3.44
CA LEU A 19 -2.63 -7.38 -4.29
C LEU A 19 -2.86 -5.90 -3.99
N ALA A 20 -3.31 -5.64 -2.78
CA ALA A 20 -3.59 -4.27 -2.36
C ALA A 20 -2.31 -3.43 -2.50
N TRP A 21 -1.18 -4.10 -2.30
CA TRP A 21 0.11 -3.43 -2.39
C TRP A 21 0.36 -3.10 -3.87
N ASP A 22 -0.06 -4.03 -4.72
CA ASP A 22 0.12 -3.87 -6.16
C ASP A 22 -0.72 -2.67 -6.63
N THR A 23 -1.60 -2.23 -5.76
CA THR A 23 -2.47 -1.10 -6.07
C THR A 23 -1.82 0.20 -5.62
N CYS A 24 -1.68 0.35 -4.32
CA CYS A 24 -1.08 1.54 -3.75
C CYS A 24 0.40 1.56 -4.14
N SER A 25 1.15 0.67 -3.52
CA SER A 25 2.58 0.58 -3.79
C SER A 25 2.81 -0.22 -5.07
N GLY A 26 2.13 0.20 -6.13
CA GLY A 26 2.25 -0.46 -7.41
C GLY A 26 2.73 0.50 -8.48
N GLY A 27 3.03 1.72 -8.05
CA GLY A 27 3.50 2.75 -8.96
C GLY A 27 2.36 3.70 -9.35
N THR A 28 1.17 3.13 -9.47
CA THR A 28 0.00 3.91 -9.83
C THR A 28 -1.19 3.52 -8.95
N GLY A 29 -2.37 3.92 -9.40
CA GLY A 29 -3.59 3.63 -8.66
C GLY A 29 -3.85 4.68 -7.58
N ASN A 30 -4.14 4.20 -6.38
CA ASN A 30 -4.41 5.09 -5.26
C ASN A 30 -3.17 5.13 -4.35
N CYS A 31 -2.01 5.18 -4.99
CA CYS A 31 -0.77 5.23 -4.25
C CYS A 31 -0.78 6.48 -3.36
N GLY A 32 -0.30 6.32 -2.14
CA GLY A 32 -0.25 7.42 -1.20
C GLY A 32 0.13 6.93 0.21
N THR A 33 0.19 7.87 1.13
CA THR A 33 0.53 7.56 2.51
C THR A 33 -0.70 7.01 3.24
N VAL A 34 -1.83 7.04 2.56
CA VAL A 34 -3.07 6.56 3.15
C VAL A 34 -3.05 5.04 3.20
N CYS A 35 -2.56 4.45 2.12
CA CYS A 35 -2.47 2.99 2.04
C CYS A 35 -1.53 2.50 3.13
N CYS A 36 -0.78 3.44 3.68
CA CYS A 36 0.19 3.12 4.73
C CYS A 36 -0.57 2.41 5.86
N GLY A 37 -1.63 3.08 6.32
CA GLY A 37 -2.44 2.52 7.39
C GLY A 37 -3.85 2.19 6.90
N GLN A 38 -3.91 1.60 5.72
CA GLN A 38 -5.18 1.23 5.13
C GLN A 38 -5.24 -0.29 4.90
N CYS A 39 -4.11 -0.83 4.46
CA CYS A 39 -4.02 -2.26 4.19
C CYS A 39 -2.87 -2.82 5.05
N PHE A 40 -1.82 -2.03 5.17
CA PHE A 40 -0.66 -2.45 5.94
C PHE A 40 -0.42 -1.50 7.12
N SER A 41 0.66 -1.76 7.83
CA SER A 41 1.01 -0.94 8.98
C SER A 41 2.54 -0.89 9.14
N PHE A 42 3.00 0.17 9.79
CA PHE A 42 4.42 0.34 10.02
C PHE A 42 5.02 -0.89 10.71
N PRO A 43 6.35 -1.07 10.48
CA PRO A 43 7.11 -0.15 9.66
C PRO A 43 6.81 -0.37 8.18
N VAL A 44 5.80 -1.19 7.93
CA VAL A 44 5.39 -1.49 6.56
C VAL A 44 4.74 -0.26 5.94
N SER A 45 3.94 0.42 6.76
CA SER A 45 3.26 1.62 6.31
C SER A 45 4.25 2.58 5.68
N GLN A 46 5.52 2.39 6.02
CA GLN A 46 6.58 3.24 5.49
C GLN A 46 6.97 2.78 4.08
N SER A 47 6.87 1.47 3.86
CA SER A 47 7.20 0.90 2.57
C SER A 47 6.09 1.18 1.56
N CYS A 48 4.86 1.13 2.05
CA CYS A 48 3.71 1.38 1.21
C CYS A 48 3.89 2.74 0.53
N ALA A 49 4.10 3.75 1.36
CA ALA A 49 4.29 5.11 0.86
C ALA A 49 5.64 5.19 0.12
N GLY A 50 6.49 4.20 0.40
CA GLY A 50 7.80 4.15 -0.22
C GLY A 50 7.70 3.63 -1.65
N MET A 51 7.05 2.49 -1.80
CA MET A 51 6.89 1.88 -3.10
C MET A 51 5.67 2.46 -3.83
N ALA A 52 5.18 3.57 -3.30
CA ALA A 52 4.02 4.23 -3.88
C ALA A 52 4.49 5.27 -4.90
N ASP A 53 5.62 4.97 -5.52
CA ASP A 53 6.18 5.87 -6.52
C ASP A 53 6.42 7.24 -5.87
N SER A 54 7.27 8.02 -6.53
CA SER A 54 7.60 9.34 -6.04
C SER A 54 6.80 10.40 -6.81
N ASN A 55 7.35 10.81 -7.94
CA ASN A 55 6.70 11.81 -8.78
C ASN A 55 6.11 11.13 -10.01
N ASP A 56 6.41 9.85 -10.14
CA ASP A 56 5.92 9.07 -11.26
C ASP A 56 4.43 8.76 -11.04
N CYS A 57 4.01 8.89 -9.80
CA CYS A 57 2.62 8.63 -9.45
C CYS A 57 1.78 9.82 -9.92
N PRO A 58 0.43 9.67 -9.76
CA PRO A 58 -0.49 10.73 -10.15
C PRO A 58 -0.47 11.88 -9.17
N ASN A 59 0.37 11.73 -8.15
CA ASN A 59 0.49 12.76 -7.12
C ASN A 59 1.44 13.86 -7.62
N ALA A 60 1.17 15.07 -7.17
CA ALA A 60 1.99 16.21 -7.55
C ALA A 60 2.23 16.17 -9.06
N ASP A 1 8.71 -8.65 5.34
CA ASP A 1 7.41 -9.31 5.19
C ASP A 1 6.30 -8.29 5.39
N ILE A 2 5.36 -8.29 4.45
CA ILE A 2 4.23 -7.37 4.52
C ILE A 2 2.96 -8.16 4.81
N GLU A 3 2.89 -9.36 4.24
CA GLU A 3 1.74 -10.22 4.43
C GLU A 3 1.48 -10.44 5.92
N ASP A 4 2.57 -10.45 6.68
CA ASP A 4 2.48 -10.66 8.11
C ASP A 4 1.93 -9.39 8.78
N PHE A 5 1.75 -8.37 7.95
CA PHE A 5 1.25 -7.10 8.45
C PHE A 5 0.05 -6.63 7.62
N TYR A 6 -0.54 -7.58 6.90
CA TYR A 6 -1.69 -7.28 6.06
C TYR A 6 -2.96 -7.20 6.89
N THR A 7 -3.74 -6.16 6.62
CA THR A 7 -4.98 -5.95 7.33
C THR A 7 -6.17 -5.91 6.36
N SER A 8 -6.72 -7.09 6.11
CA SER A 8 -7.85 -7.22 5.20
C SER A 8 -9.08 -6.54 5.81
N GLU A 9 -8.95 -6.17 7.07
CA GLU A 9 -10.04 -5.51 7.78
C GLU A 9 -10.28 -4.11 7.19
N THR A 10 -9.19 -3.36 7.11
CA THR A 10 -9.26 -2.01 6.58
C THR A 10 -8.96 -1.99 5.08
N CYS A 11 -8.15 -2.97 4.66
CA CYS A 11 -7.78 -3.08 3.27
C CYS A 11 -9.03 -3.39 2.46
N PRO A 12 -9.14 -2.71 1.29
CA PRO A 12 -10.29 -2.91 0.41
C PRO A 12 -10.19 -4.25 -0.34
N TYR A 13 -9.07 -4.92 -0.12
CA TYR A 13 -8.84 -6.21 -0.76
C TYR A 13 -8.54 -7.29 0.28
N LYS A 14 -8.93 -8.51 -0.06
CA LYS A 14 -8.72 -9.64 0.83
C LYS A 14 -8.28 -10.85 0.01
N ASN A 15 -7.65 -10.57 -1.12
CA ASN A 15 -7.18 -11.63 -2.00
C ASN A 15 -5.71 -11.93 -1.68
N ASP A 16 -4.94 -10.86 -1.51
CA ASP A 16 -3.54 -11.00 -1.20
C ASP A 16 -2.99 -9.66 -0.70
N SER A 17 -1.92 -9.75 0.07
CA SER A 17 -1.30 -8.55 0.63
C SER A 17 -0.55 -7.80 -0.48
N GLN A 18 -0.01 -8.56 -1.42
CA GLN A 18 0.73 -7.98 -2.52
C GLN A 18 -0.23 -7.31 -3.51
N LEU A 19 -1.45 -7.83 -3.53
CA LEU A 19 -2.47 -7.29 -4.41
C LEU A 19 -2.75 -5.83 -4.05
N ALA A 20 -3.14 -5.64 -2.80
CA ALA A 20 -3.45 -4.31 -2.30
C ALA A 20 -2.19 -3.43 -2.42
N TRP A 21 -1.05 -4.07 -2.21
CA TRP A 21 0.22 -3.36 -2.28
C TRP A 21 0.45 -2.95 -3.74
N ASP A 22 0.18 -3.88 -4.63
CA ASP A 22 0.35 -3.64 -6.05
C ASP A 22 -0.64 -2.55 -6.50
N THR A 23 -1.61 -2.28 -5.64
CA THR A 23 -2.62 -1.29 -5.93
C THR A 23 -2.07 0.11 -5.65
N CYS A 24 -1.66 0.31 -4.40
CA CYS A 24 -1.12 1.61 -3.99
C CYS A 24 0.38 1.60 -4.29
N SER A 25 1.10 0.79 -3.55
CA SER A 25 2.55 0.69 -3.72
C SER A 25 2.87 -0.20 -4.92
N GLY A 26 2.24 0.11 -6.04
CA GLY A 26 2.45 -0.66 -7.26
C GLY A 26 2.87 0.25 -8.41
N GLY A 27 3.07 1.52 -8.09
CA GLY A 27 3.46 2.50 -9.09
C GLY A 27 2.30 3.40 -9.47
N THR A 28 1.14 2.77 -9.69
CA THR A 28 -0.05 3.50 -10.07
C THR A 28 -1.23 3.08 -9.19
N GLY A 29 -2.40 3.56 -9.55
CA GLY A 29 -3.61 3.25 -8.81
C GLY A 29 -3.92 4.33 -7.77
N ASN A 30 -4.16 3.89 -6.54
CA ASN A 30 -4.47 4.80 -5.46
C ASN A 30 -3.22 4.94 -4.57
N CYS A 31 -2.07 4.95 -5.21
CA CYS A 31 -0.81 5.09 -4.49
C CYS A 31 -0.88 6.35 -3.63
N GLY A 32 -0.47 6.20 -2.38
CA GLY A 32 -0.49 7.32 -1.45
C GLY A 32 0.03 6.90 -0.07
N THR A 33 0.09 7.87 0.82
CA THR A 33 0.55 7.61 2.17
C THR A 33 -0.59 7.12 3.05
N VAL A 34 -1.78 7.11 2.47
CA VAL A 34 -2.97 6.67 3.17
C VAL A 34 -3.04 5.15 3.14
N CYS A 35 -2.58 4.60 2.02
CA CYS A 35 -2.58 3.15 1.84
C CYS A 35 -1.67 2.53 2.90
N CYS A 36 -0.87 3.38 3.52
CA CYS A 36 0.04 2.94 4.56
C CYS A 36 -0.76 2.22 5.64
N GLY A 37 -1.44 3.01 6.46
CA GLY A 37 -2.25 2.47 7.53
C GLY A 37 -3.67 2.16 7.04
N GLN A 38 -3.75 1.56 5.86
CA GLN A 38 -5.03 1.20 5.28
C GLN A 38 -5.10 -0.30 5.03
N CYS A 39 -3.96 -0.87 4.67
CA CYS A 39 -3.89 -2.30 4.40
C CYS A 39 -2.76 -2.89 5.27
N PHE A 40 -1.64 -2.18 5.28
CA PHE A 40 -0.50 -2.62 6.05
C PHE A 40 -0.22 -1.67 7.23
N SER A 41 0.79 -2.01 8.00
CA SER A 41 1.16 -1.21 9.15
C SER A 41 2.69 -1.10 9.25
N PHE A 42 3.14 -0.07 9.93
CA PHE A 42 4.57 0.15 10.12
C PHE A 42 5.24 -1.09 10.71
N PRO A 43 6.56 -1.21 10.43
CA PRO A 43 7.25 -0.23 9.62
C PRO A 43 6.89 -0.38 8.14
N VAL A 44 5.92 -1.25 7.90
CA VAL A 44 5.48 -1.50 6.54
C VAL A 44 4.72 -0.28 6.02
N SER A 45 3.95 0.33 6.91
CA SER A 45 3.18 1.50 6.55
C SER A 45 4.08 2.57 5.93
N GLN A 46 5.38 2.40 6.17
CA GLN A 46 6.36 3.34 5.63
C GLN A 46 6.78 2.91 4.23
N SER A 47 6.62 1.62 3.96
CA SER A 47 6.97 1.08 2.66
C SER A 47 5.91 1.47 1.62
N CYS A 48 4.67 1.47 2.06
CA CYS A 48 3.55 1.82 1.19
C CYS A 48 3.84 3.19 0.58
N ALA A 49 3.92 4.19 1.45
CA ALA A 49 4.19 5.54 1.00
C ALA A 49 5.55 5.58 0.29
N GLY A 50 6.33 4.53 0.51
CA GLY A 50 7.64 4.43 -0.10
C GLY A 50 7.55 3.91 -1.54
N MET A 51 6.92 2.75 -1.68
CA MET A 51 6.75 2.14 -2.98
C MET A 51 5.51 2.68 -3.69
N ALA A 52 5.01 3.79 -3.16
CA ALA A 52 3.83 4.43 -3.73
C ALA A 52 4.26 5.42 -4.81
N ASP A 53 5.46 5.21 -5.32
CA ASP A 53 6.00 6.08 -6.35
C ASP A 53 6.07 7.51 -5.82
N SER A 54 7.02 8.27 -6.37
CA SER A 54 7.20 9.65 -5.95
C SER A 54 6.66 10.59 -7.04
N ASN A 55 7.52 10.88 -8.01
CA ASN A 55 7.14 11.76 -9.10
C ASN A 55 6.54 10.93 -10.24
N ASP A 56 6.71 9.63 -10.12
CA ASP A 56 6.19 8.72 -11.13
C ASP A 56 4.67 8.60 -10.98
N CYS A 57 4.22 8.76 -9.75
CA CYS A 57 2.79 8.68 -9.46
C CYS A 57 2.17 10.03 -9.79
N PRO A 58 0.80 10.05 -9.76
CA PRO A 58 0.06 11.26 -10.06
C PRO A 58 0.14 12.24 -8.89
N ASN A 59 1.35 12.58 -8.50
CA ASN A 59 1.57 13.50 -7.40
C ASN A 59 1.87 14.89 -7.95
N ALA A 60 2.51 15.70 -7.11
CA ALA A 60 2.86 17.05 -7.51
C ALA A 60 3.68 17.71 -6.39
N ASP A 1 7.71 -9.89 6.60
CA ASP A 1 7.05 -9.66 5.33
C ASP A 1 5.90 -8.67 5.53
N ILE A 2 5.27 -8.31 4.42
CA ILE A 2 4.15 -7.37 4.46
C ILE A 2 2.86 -8.13 4.77
N GLU A 3 2.83 -9.38 4.34
CA GLU A 3 1.67 -10.22 4.56
C GLU A 3 1.42 -10.38 6.06
N ASP A 4 2.50 -10.35 6.82
CA ASP A 4 2.42 -10.50 8.26
C ASP A 4 1.86 -9.21 8.87
N PHE A 5 1.69 -8.22 8.01
CA PHE A 5 1.16 -6.93 8.45
C PHE A 5 -0.05 -6.51 7.60
N TYR A 6 -0.57 -7.48 6.86
CA TYR A 6 -1.72 -7.23 6.01
C TYR A 6 -3.01 -7.20 6.82
N THR A 7 -3.77 -6.13 6.62
CA THR A 7 -5.03 -5.97 7.33
C THR A 7 -6.21 -6.01 6.35
N SER A 8 -6.71 -7.20 6.12
CA SER A 8 -7.82 -7.39 5.21
C SER A 8 -9.10 -6.83 5.84
N GLU A 9 -8.98 -6.42 7.09
CA GLU A 9 -10.12 -5.87 7.81
C GLU A 9 -10.46 -4.48 7.29
N THR A 10 -9.42 -3.65 7.18
CA THR A 10 -9.59 -2.29 6.69
C THR A 10 -9.26 -2.21 5.21
N CYS A 11 -8.41 -3.13 4.76
CA CYS A 11 -8.01 -3.17 3.37
C CYS A 11 -9.24 -3.49 2.52
N PRO A 12 -9.37 -2.75 1.39
CA PRO A 12 -10.49 -2.94 0.49
C PRO A 12 -10.32 -4.22 -0.33
N TYR A 13 -9.08 -4.66 -0.42
CA TYR A 13 -8.76 -5.86 -1.17
C TYR A 13 -8.56 -7.06 -0.23
N LYS A 14 -8.31 -8.21 -0.84
CA LYS A 14 -8.10 -9.43 -0.07
C LYS A 14 -7.27 -10.41 -0.91
N ASN A 15 -7.35 -11.68 -0.52
CA ASN A 15 -6.62 -12.71 -1.22
C ASN A 15 -5.16 -12.68 -0.79
N ASP A 16 -4.48 -11.60 -1.16
CA ASP A 16 -3.08 -11.43 -0.81
C ASP A 16 -2.81 -9.96 -0.50
N SER A 17 -1.72 -9.72 0.20
CA SER A 17 -1.34 -8.37 0.56
C SER A 17 -0.70 -7.67 -0.63
N GLN A 18 -0.04 -8.45 -1.46
CA GLN A 18 0.62 -7.92 -2.65
C GLN A 18 -0.42 -7.37 -3.62
N LEU A 19 -1.66 -7.81 -3.44
CA LEU A 19 -2.74 -7.36 -4.29
C LEU A 19 -3.04 -5.88 -4.01
N ALA A 20 -3.30 -5.59 -2.74
CA ALA A 20 -3.58 -4.23 -2.33
C ALA A 20 -2.33 -3.37 -2.49
N TRP A 21 -1.19 -4.01 -2.24
CA TRP A 21 0.08 -3.32 -2.35
C TRP A 21 0.33 -3.00 -3.83
N ASP A 22 -0.06 -3.95 -4.67
CA ASP A 22 0.11 -3.79 -6.11
C ASP A 22 -0.76 -2.62 -6.59
N THR A 23 -1.69 -2.23 -5.74
CA THR A 23 -2.58 -1.13 -6.06
C THR A 23 -1.93 0.21 -5.73
N CYS A 24 -1.77 0.45 -4.44
CA CYS A 24 -1.17 1.69 -3.98
C CYS A 24 0.32 1.66 -4.34
N SER A 25 1.06 0.82 -3.63
CA SER A 25 2.48 0.68 -3.86
C SER A 25 2.73 -0.17 -5.11
N GLY A 26 2.08 0.23 -6.19
CA GLY A 26 2.23 -0.48 -7.45
C GLY A 26 2.66 0.46 -8.58
N GLY A 27 2.90 1.70 -8.20
CA GLY A 27 3.30 2.71 -9.16
C GLY A 27 2.16 3.67 -9.48
N THR A 28 0.97 3.09 -9.63
CA THR A 28 -0.22 3.88 -9.93
C THR A 28 -1.37 3.50 -9.00
N GLY A 29 -2.57 3.82 -9.44
CA GLY A 29 -3.77 3.50 -8.67
C GLY A 29 -4.03 4.60 -7.62
N ASN A 30 -4.19 4.16 -6.39
CA ASN A 30 -4.46 5.08 -5.30
C ASN A 30 -3.22 5.16 -4.39
N CYS A 31 -2.06 5.24 -5.03
CA CYS A 31 -0.81 5.33 -4.29
C CYS A 31 -0.84 6.60 -3.46
N GLY A 32 -0.48 6.43 -2.18
CA GLY A 32 -0.46 7.56 -1.26
C GLY A 32 0.03 7.13 0.12
N THR A 33 0.04 8.09 1.03
CA THR A 33 0.48 7.81 2.39
C THR A 33 -0.67 7.26 3.23
N VAL A 34 -1.85 7.25 2.63
CA VAL A 34 -3.03 6.75 3.31
C VAL A 34 -3.06 5.23 3.21
N CYS A 35 -2.56 4.72 2.09
CA CYS A 35 -2.53 3.29 1.87
C CYS A 35 -1.62 2.66 2.93
N CYS A 36 -0.80 3.50 3.52
CA CYS A 36 0.13 3.05 4.55
C CYS A 36 -0.69 2.32 5.64
N GLY A 37 -1.33 3.12 6.47
CA GLY A 37 -2.14 2.56 7.55
C GLY A 37 -3.57 2.26 7.06
N GLN A 38 -3.63 1.59 5.92
CA GLN A 38 -4.92 1.23 5.35
C GLN A 38 -5.03 -0.29 5.19
N CYS A 39 -4.00 -0.86 4.59
CA CYS A 39 -3.97 -2.30 4.38
C CYS A 39 -2.81 -2.88 5.19
N PHE A 40 -1.74 -2.11 5.29
CA PHE A 40 -0.57 -2.52 6.03
C PHE A 40 -0.29 -1.57 7.20
N SER A 41 0.73 -1.91 7.97
CA SER A 41 1.11 -1.10 9.11
C SER A 41 2.63 -1.04 9.22
N PHE A 42 3.11 -0.01 9.92
CA PHE A 42 4.54 0.17 10.11
C PHE A 42 5.18 -1.08 10.71
N PRO A 43 6.50 -1.24 10.44
CA PRO A 43 7.22 -0.26 9.64
C PRO A 43 6.87 -0.42 8.16
N VAL A 44 5.89 -1.27 7.90
CA VAL A 44 5.44 -1.51 6.54
C VAL A 44 4.71 -0.27 6.01
N SER A 45 3.95 0.35 6.89
CA SER A 45 3.21 1.54 6.54
C SER A 45 4.13 2.57 5.90
N GLN A 46 5.42 2.39 6.14
CA GLN A 46 6.42 3.29 5.59
C GLN A 46 6.83 2.85 4.18
N SER A 47 6.66 1.56 3.93
CA SER A 47 7.00 1.00 2.63
C SER A 47 5.93 1.38 1.60
N CYS A 48 4.69 1.39 2.06
CA CYS A 48 3.57 1.74 1.20
C CYS A 48 3.88 3.09 0.54
N ALA A 49 3.93 4.11 1.39
CA ALA A 49 4.21 5.46 0.91
C ALA A 49 5.56 5.48 0.20
N GLY A 50 6.34 4.43 0.45
CA GLY A 50 7.65 4.32 -0.16
C GLY A 50 7.56 3.78 -1.59
N MET A 51 6.90 2.64 -1.71
CA MET A 51 6.71 2.02 -3.01
C MET A 51 5.50 2.59 -3.73
N ALA A 52 5.03 3.72 -3.23
CA ALA A 52 3.87 4.38 -3.82
C ALA A 52 4.34 5.35 -4.91
N ASP A 53 5.54 5.08 -5.43
CA ASP A 53 6.11 5.90 -6.48
C ASP A 53 6.26 7.33 -5.95
N SER A 54 7.26 8.03 -6.50
CA SER A 54 7.52 9.40 -6.10
C SER A 54 7.00 10.36 -7.17
N ASN A 55 7.84 10.61 -8.16
CA ASN A 55 7.48 11.51 -9.24
C ASN A 55 6.79 10.71 -10.35
N ASP A 56 6.87 9.39 -10.23
CA ASP A 56 6.26 8.51 -11.21
C ASP A 56 4.74 8.49 -11.00
N CYS A 57 4.36 8.63 -9.75
CA CYS A 57 2.94 8.63 -9.40
C CYS A 57 2.35 9.98 -9.79
N PRO A 58 0.99 10.00 -9.92
CA PRO A 58 0.29 11.22 -10.29
C PRO A 58 0.23 12.20 -9.12
N ASN A 59 1.40 12.51 -8.59
CA ASN A 59 1.49 13.43 -7.47
C ASN A 59 1.67 14.86 -7.99
N ALA A 60 1.45 15.81 -7.10
CA ALA A 60 1.58 17.22 -7.46
C ALA A 60 3.01 17.49 -7.91
N ASP A 1 6.66 -10.85 4.77
CA ASP A 1 7.16 -9.70 5.51
C ASP A 1 6.02 -8.70 5.70
N ILE A 2 5.35 -8.41 4.60
CA ILE A 2 4.24 -7.47 4.63
C ILE A 2 2.93 -8.22 4.88
N GLU A 3 2.86 -9.42 4.33
CA GLU A 3 1.68 -10.25 4.50
C GLU A 3 1.38 -10.47 5.99
N ASP A 4 2.44 -10.47 6.78
CA ASP A 4 2.31 -10.66 8.21
C ASP A 4 1.75 -9.38 8.85
N PHE A 5 1.60 -8.37 8.01
CA PHE A 5 1.07 -7.10 8.46
C PHE A 5 -0.12 -6.65 7.60
N TYR A 6 -0.67 -7.61 6.88
CA TYR A 6 -1.81 -7.33 6.02
C TYR A 6 -3.11 -7.25 6.83
N THR A 7 -3.82 -6.15 6.62
CA THR A 7 -5.08 -5.94 7.32
C THR A 7 -6.25 -5.91 6.32
N SER A 8 -6.83 -7.08 6.10
CA SER A 8 -7.95 -7.19 5.18
C SER A 8 -9.19 -6.53 5.79
N GLU A 9 -9.05 -6.12 7.04
CA GLU A 9 -10.15 -5.48 7.75
C GLU A 9 -10.40 -4.07 7.18
N THR A 10 -9.31 -3.36 6.96
CA THR A 10 -9.39 -2.01 6.43
C THR A 10 -9.05 -2.00 4.95
N CYS A 11 -8.22 -2.96 4.56
CA CYS A 11 -7.81 -3.08 3.17
C CYS A 11 -9.05 -3.39 2.32
N PRO A 12 -9.14 -2.71 1.15
CA PRO A 12 -10.25 -2.90 0.25
C PRO A 12 -10.12 -4.23 -0.50
N TYR A 13 -9.01 -4.90 -0.27
CA TYR A 13 -8.75 -6.18 -0.92
C TYR A 13 -8.48 -7.27 0.11
N LYS A 14 -8.87 -8.49 -0.23
CA LYS A 14 -8.68 -9.62 0.66
C LYS A 14 -8.25 -10.83 -0.16
N ASN A 15 -7.58 -10.56 -1.28
CA ASN A 15 -7.11 -11.61 -2.16
C ASN A 15 -5.64 -11.91 -1.84
N ASP A 16 -4.89 -10.83 -1.65
CA ASP A 16 -3.47 -10.97 -1.34
C ASP A 16 -2.94 -9.63 -0.83
N SER A 17 -1.90 -9.72 0.00
CA SER A 17 -1.30 -8.53 0.57
C SER A 17 -0.53 -7.77 -0.51
N GLN A 18 0.06 -8.52 -1.41
CA GLN A 18 0.83 -7.92 -2.50
C GLN A 18 -0.12 -7.24 -3.50
N LEU A 19 -1.34 -7.74 -3.55
CA LEU A 19 -2.34 -7.19 -4.45
C LEU A 19 -2.62 -5.74 -4.07
N ALA A 20 -3.03 -5.56 -2.82
CA ALA A 20 -3.33 -4.24 -2.30
C ALA A 20 -2.08 -3.36 -2.40
N TRP A 21 -0.93 -3.99 -2.21
CA TRP A 21 0.32 -3.28 -2.28
C TRP A 21 0.58 -2.91 -3.74
N ASP A 22 0.26 -3.84 -4.62
CA ASP A 22 0.45 -3.61 -6.05
C ASP A 22 -0.46 -2.47 -6.50
N THR A 23 -1.40 -2.12 -5.64
CA THR A 23 -2.33 -1.05 -5.94
C THR A 23 -1.72 0.31 -5.60
N CYS A 24 -1.58 0.55 -4.31
CA CYS A 24 -1.00 1.80 -3.84
C CYS A 24 0.49 1.81 -4.18
N SER A 25 1.23 0.97 -3.48
CA SER A 25 2.67 0.86 -3.70
C SER A 25 2.94 0.05 -4.96
N GLY A 26 2.29 0.46 -6.04
CA GLY A 26 2.46 -0.23 -7.32
C GLY A 26 2.85 0.76 -8.42
N GLY A 27 2.95 2.02 -8.03
CA GLY A 27 3.31 3.07 -8.98
C GLY A 27 2.07 3.85 -9.42
N THR A 28 1.03 3.10 -9.77
CA THR A 28 -0.22 3.71 -10.22
C THR A 28 -1.38 3.26 -9.33
N GLY A 29 -2.58 3.62 -9.76
CA GLY A 29 -3.78 3.27 -9.01
C GLY A 29 -4.15 4.38 -8.03
N ASN A 30 -3.90 4.11 -6.76
CA ASN A 30 -4.20 5.07 -5.71
C ASN A 30 -3.08 5.06 -4.67
N CYS A 31 -1.86 5.21 -5.17
CA CYS A 31 -0.70 5.22 -4.28
C CYS A 31 -0.76 6.48 -3.42
N GLY A 32 -0.36 6.31 -2.17
CA GLY A 32 -0.36 7.43 -1.22
C GLY A 32 0.13 6.99 0.15
N THR A 33 0.15 7.93 1.07
CA THR A 33 0.59 7.66 2.43
C THR A 33 -0.56 7.11 3.26
N VAL A 34 -1.74 7.11 2.67
CA VAL A 34 -2.92 6.62 3.34
C VAL A 34 -2.95 5.09 3.30
N CYS A 35 -2.47 4.56 2.18
CA CYS A 35 -2.42 3.12 1.99
C CYS A 35 -1.49 2.53 3.05
N CYS A 36 -0.72 3.41 3.68
CA CYS A 36 0.21 2.99 4.71
C CYS A 36 -0.57 2.23 5.78
N GLY A 37 -1.41 2.97 6.49
CA GLY A 37 -2.22 2.40 7.55
C GLY A 37 -3.64 2.09 7.05
N GLN A 38 -3.70 1.49 5.87
CA GLN A 38 -4.98 1.15 5.27
C GLN A 38 -5.06 -0.35 5.02
N CYS A 39 -3.93 -0.92 4.63
CA CYS A 39 -3.86 -2.34 4.34
C CYS A 39 -2.73 -2.94 5.19
N PHE A 40 -1.65 -2.19 5.30
CA PHE A 40 -0.50 -2.63 6.08
C PHE A 40 -0.25 -1.70 7.27
N SER A 41 0.75 -2.06 8.05
CA SER A 41 1.10 -1.27 9.22
C SER A 41 2.63 -1.19 9.36
N PHE A 42 3.07 -0.17 10.08
CA PHE A 42 4.49 0.04 10.29
C PHE A 42 5.14 -1.21 10.90
N PRO A 43 6.47 -1.34 10.65
CA PRO A 43 7.20 -0.35 9.86
C PRO A 43 6.87 -0.49 8.37
N VAL A 44 5.89 -1.34 8.09
CA VAL A 44 5.47 -1.58 6.72
C VAL A 44 4.74 -0.34 6.20
N SER A 45 3.95 0.27 7.08
CA SER A 45 3.20 1.46 6.71
C SER A 45 4.13 2.51 6.11
N GLN A 46 5.43 2.32 6.38
CA GLN A 46 6.42 3.25 5.87
C GLN A 46 6.88 2.82 4.47
N SER A 47 6.73 1.54 4.20
CA SER A 47 7.13 0.99 2.92
C SER A 47 6.09 1.38 1.85
N CYS A 48 4.84 1.37 2.26
CA CYS A 48 3.75 1.72 1.36
C CYS A 48 4.07 3.08 0.73
N ALA A 49 4.03 4.11 1.56
CA ALA A 49 4.32 5.45 1.10
C ALA A 49 5.69 5.49 0.42
N GLY A 50 6.49 4.47 0.73
CA GLY A 50 7.82 4.36 0.16
C GLY A 50 7.76 3.85 -1.28
N MET A 51 7.08 2.72 -1.44
CA MET A 51 6.95 2.11 -2.75
C MET A 51 5.76 2.71 -3.52
N ALA A 52 5.31 3.87 -3.03
CA ALA A 52 4.19 4.55 -3.66
C ALA A 52 4.72 5.48 -4.76
N ASP A 53 5.92 5.19 -5.21
CA ASP A 53 6.55 5.98 -6.25
C ASP A 53 6.46 7.46 -5.87
N SER A 54 6.99 8.30 -6.76
CA SER A 54 6.97 9.74 -6.53
C SER A 54 6.19 10.43 -7.65
N ASN A 55 6.87 10.65 -8.76
CA ASN A 55 6.26 11.31 -9.90
C ASN A 55 5.70 10.25 -10.85
N ASP A 56 5.97 8.99 -10.51
CA ASP A 56 5.49 7.88 -11.32
C ASP A 56 3.98 7.71 -11.11
N CYS A 57 3.49 8.31 -10.04
CA CYS A 57 2.07 8.25 -9.73
C CYS A 57 1.35 9.34 -10.51
N PRO A 58 0.06 9.08 -10.81
CA PRO A 58 -0.76 10.03 -11.55
C PRO A 58 -1.17 11.20 -10.65
N ASN A 59 -0.18 11.86 -10.09
CA ASN A 59 -0.43 12.99 -9.22
C ASN A 59 -0.17 14.29 -9.99
N ALA A 60 -0.33 15.40 -9.28
CA ALA A 60 -0.12 16.71 -9.87
C ALA A 60 1.37 16.88 -10.19
N ASP A 1 8.36 -8.51 5.02
CA ASP A 1 7.16 -9.27 5.35
C ASP A 1 6.00 -8.30 5.55
N ILE A 2 5.23 -8.11 4.49
CA ILE A 2 4.09 -7.22 4.53
C ILE A 2 2.81 -8.04 4.80
N GLU A 3 2.79 -9.23 4.23
CA GLU A 3 1.65 -10.11 4.40
C GLU A 3 1.35 -10.32 5.88
N ASP A 4 2.39 -10.23 6.69
CA ASP A 4 2.25 -10.40 8.12
C ASP A 4 1.61 -9.14 8.72
N PHE A 5 1.54 -8.11 7.89
CA PHE A 5 0.95 -6.85 8.33
C PHE A 5 -0.22 -6.45 7.42
N TYR A 6 -0.70 -7.43 6.68
CA TYR A 6 -1.82 -7.19 5.76
C TYR A 6 -3.14 -7.14 6.53
N THR A 7 -3.77 -5.97 6.49
CA THR A 7 -5.04 -5.78 7.17
C THR A 7 -6.19 -5.90 6.18
N SER A 8 -6.59 -7.14 5.93
CA SER A 8 -7.69 -7.40 5.01
C SER A 8 -9.00 -6.88 5.59
N GLU A 9 -8.93 -6.46 6.85
CA GLU A 9 -10.10 -5.93 7.53
C GLU A 9 -10.46 -4.55 6.97
N THR A 10 -9.49 -3.67 6.97
CA THR A 10 -9.69 -2.31 6.48
C THR A 10 -9.35 -2.24 4.99
N CYS A 11 -8.45 -3.12 4.58
CA CYS A 11 -8.04 -3.16 3.18
C CYS A 11 -9.25 -3.55 2.34
N PRO A 12 -9.41 -2.84 1.19
CA PRO A 12 -10.51 -3.10 0.28
C PRO A 12 -10.27 -4.38 -0.52
N TYR A 13 -9.10 -4.96 -0.31
CA TYR A 13 -8.73 -6.19 -1.00
C TYR A 13 -8.50 -7.33 -0.01
N LYS A 14 -8.49 -8.54 -0.53
CA LYS A 14 -8.27 -9.72 0.29
C LYS A 14 -7.71 -10.84 -0.57
N ASN A 15 -7.06 -10.45 -1.66
CA ASN A 15 -6.48 -11.42 -2.58
C ASN A 15 -4.96 -11.21 -2.61
N ASP A 16 -4.34 -11.45 -1.47
CA ASP A 16 -2.90 -11.30 -1.36
C ASP A 16 -2.55 -9.84 -1.07
N SER A 17 -1.67 -9.65 -0.10
CA SER A 17 -1.25 -8.32 0.29
C SER A 17 -0.53 -7.63 -0.87
N GLN A 18 0.07 -8.46 -1.72
CA GLN A 18 0.80 -7.95 -2.87
C GLN A 18 -0.16 -7.26 -3.83
N LEU A 19 -1.44 -7.56 -3.66
CA LEU A 19 -2.47 -6.98 -4.52
C LEU A 19 -2.72 -5.53 -4.09
N ALA A 20 -3.16 -5.37 -2.86
CA ALA A 20 -3.43 -4.05 -2.31
C ALA A 20 -2.14 -3.23 -2.30
N TRP A 21 -1.03 -3.94 -2.13
CA TRP A 21 0.26 -3.29 -2.10
C TRP A 21 0.63 -2.89 -3.53
N ASP A 22 0.30 -3.76 -4.46
CA ASP A 22 0.57 -3.51 -5.86
C ASP A 22 -0.26 -2.31 -6.34
N THR A 23 -1.20 -1.92 -5.50
CA THR A 23 -2.06 -0.80 -5.82
C THR A 23 -1.42 0.52 -5.38
N CYS A 24 -1.42 0.73 -4.08
CA CYS A 24 -0.84 1.94 -3.52
C CYS A 24 0.67 1.89 -3.73
N SER A 25 1.29 0.86 -3.17
CA SER A 25 2.73 0.69 -3.29
C SER A 25 3.06 0.09 -4.66
N GLY A 26 2.55 0.74 -5.69
CA GLY A 26 2.79 0.30 -7.05
C GLY A 26 3.18 1.47 -7.95
N GLY A 27 2.56 1.49 -9.13
CA GLY A 27 2.82 2.55 -10.10
C GLY A 27 1.66 3.54 -10.15
N THR A 28 0.45 2.99 -10.16
CA THR A 28 -0.75 3.80 -10.22
C THR A 28 -1.75 3.36 -9.14
N GLY A 29 -3.00 3.72 -9.36
CA GLY A 29 -4.05 3.37 -8.42
C GLY A 29 -4.27 4.49 -7.40
N ASN A 30 -3.99 4.18 -6.15
CA ASN A 30 -4.16 5.14 -5.08
C ASN A 30 -2.94 5.07 -4.14
N CYS A 31 -1.79 5.43 -4.69
CA CYS A 31 -0.56 5.41 -3.93
C CYS A 31 -0.53 6.67 -3.04
N GLY A 32 -0.10 6.46 -1.80
CA GLY A 32 -0.01 7.56 -0.85
C GLY A 32 0.35 7.04 0.55
N THR A 33 0.34 7.97 1.49
CA THR A 33 0.67 7.63 2.87
C THR A 33 -0.57 7.12 3.60
N VAL A 34 -1.69 7.17 2.90
CA VAL A 34 -2.95 6.71 3.46
C VAL A 34 -2.96 5.18 3.51
N CYS A 35 -2.52 4.58 2.41
CA CYS A 35 -2.46 3.13 2.32
C CYS A 35 -1.50 2.62 3.39
N CYS A 36 -0.70 3.54 3.92
CA CYS A 36 0.26 3.19 4.94
C CYS A 36 -0.48 2.48 6.09
N GLY A 37 -1.51 3.13 6.57
CA GLY A 37 -2.31 2.58 7.65
C GLY A 37 -3.72 2.25 7.19
N GLN A 38 -3.81 1.69 5.99
CA GLN A 38 -5.08 1.32 5.41
C GLN A 38 -5.13 -0.19 5.15
N CYS A 39 -4.09 -0.67 4.48
CA CYS A 39 -4.01 -2.08 4.15
C CYS A 39 -2.85 -2.69 4.96
N PHE A 40 -1.94 -1.84 5.36
CA PHE A 40 -0.79 -2.27 6.14
C PHE A 40 -0.53 -1.32 7.31
N SER A 41 0.55 -1.60 8.03
CA SER A 41 0.91 -0.79 9.18
C SER A 41 2.44 -0.81 9.37
N PHE A 42 2.93 0.22 10.03
CA PHE A 42 4.36 0.33 10.29
C PHE A 42 4.89 -0.93 10.98
N PRO A 43 6.21 -1.18 10.79
CA PRO A 43 7.03 -0.30 9.97
C PRO A 43 6.74 -0.49 8.48
N VAL A 44 5.70 -1.29 8.22
CA VAL A 44 5.31 -1.56 6.85
C VAL A 44 4.70 -0.31 6.23
N SER A 45 3.92 0.40 7.05
CA SER A 45 3.28 1.62 6.60
C SER A 45 4.31 2.56 5.96
N GLN A 46 5.55 2.39 6.39
CA GLN A 46 6.63 3.21 5.86
C GLN A 46 6.99 2.77 4.44
N SER A 47 6.81 1.49 4.18
CA SER A 47 7.11 0.94 2.87
C SER A 47 6.01 1.32 1.88
N CYS A 48 4.78 1.29 2.38
CA CYS A 48 3.63 1.62 1.55
C CYS A 48 3.88 3.00 0.92
N ALA A 49 4.33 3.92 1.75
CA ALA A 49 4.62 5.27 1.30
C ALA A 49 5.93 5.28 0.51
N GLY A 50 6.75 4.28 0.78
CA GLY A 50 8.03 4.15 0.11
C GLY A 50 7.85 3.63 -1.32
N MET A 51 7.17 2.50 -1.42
CA MET A 51 6.92 1.90 -2.72
C MET A 51 5.66 2.48 -3.38
N ALA A 52 5.30 3.67 -2.92
CA ALA A 52 4.13 4.34 -3.44
C ALA A 52 4.52 5.16 -4.67
N ASP A 53 5.36 4.56 -5.50
CA ASP A 53 5.82 5.22 -6.71
C ASP A 53 6.43 6.57 -6.35
N SER A 54 7.07 7.18 -7.34
CA SER A 54 7.70 8.47 -7.14
C SER A 54 6.85 9.58 -7.77
N ASN A 55 7.13 9.85 -9.03
CA ASN A 55 6.40 10.88 -9.75
C ASN A 55 5.58 10.23 -10.87
N ASP A 56 5.84 8.95 -11.07
CA ASP A 56 5.14 8.19 -12.10
C ASP A 56 3.70 7.90 -11.63
N CYS A 57 3.44 8.29 -10.39
CA CYS A 57 2.13 8.07 -9.80
C CYS A 57 1.19 9.18 -10.28
N PRO A 58 -0.12 8.84 -10.37
CA PRO A 58 -1.11 9.79 -10.81
C PRO A 58 -1.42 10.82 -9.72
N ASN A 59 -0.37 11.51 -9.28
CA ASN A 59 -0.51 12.52 -8.25
C ASN A 59 -0.73 13.89 -8.90
N ALA A 60 -1.20 14.82 -8.09
CA ALA A 60 -1.45 16.17 -8.56
C ALA A 60 -2.28 16.10 -9.85
N ASP A 1 8.54 -8.43 5.27
CA ASP A 1 7.29 -9.16 5.25
C ASP A 1 6.13 -8.19 5.47
N ILE A 2 5.29 -8.07 4.44
CA ILE A 2 4.15 -7.17 4.52
C ILE A 2 2.88 -8.00 4.80
N GLU A 3 2.85 -9.18 4.22
CA GLU A 3 1.71 -10.07 4.39
C GLU A 3 1.44 -10.29 5.89
N ASP A 4 2.50 -10.20 6.67
CA ASP A 4 2.39 -10.39 8.11
C ASP A 4 1.75 -9.14 8.73
N PHE A 5 1.64 -8.10 7.92
CA PHE A 5 1.05 -6.85 8.38
C PHE A 5 -0.14 -6.45 7.49
N TYR A 6 -0.62 -7.43 6.73
CA TYR A 6 -1.74 -7.19 5.84
C TYR A 6 -3.06 -7.17 6.61
N THR A 7 -3.76 -6.05 6.49
CA THR A 7 -5.04 -5.89 7.17
C THR A 7 -6.20 -5.99 6.17
N SER A 8 -6.63 -7.22 5.94
CA SER A 8 -7.71 -7.46 5.01
C SER A 8 -9.03 -6.96 5.59
N GLU A 9 -8.95 -6.52 6.85
CA GLU A 9 -10.13 -6.00 7.53
C GLU A 9 -10.48 -4.62 7.01
N THR A 10 -9.50 -3.73 7.01
CA THR A 10 -9.70 -2.38 6.53
C THR A 10 -9.36 -2.27 5.04
N CYS A 11 -8.45 -3.16 4.62
CA CYS A 11 -8.03 -3.17 3.23
C CYS A 11 -9.24 -3.54 2.36
N PRO A 12 -9.39 -2.81 1.24
CA PRO A 12 -10.49 -3.05 0.32
C PRO A 12 -10.25 -4.32 -0.50
N TYR A 13 -9.10 -4.93 -0.27
CA TYR A 13 -8.75 -6.15 -0.97
C TYR A 13 -8.59 -7.32 0.00
N LYS A 14 -8.60 -8.52 -0.56
CA LYS A 14 -8.47 -9.73 0.24
C LYS A 14 -7.91 -10.86 -0.63
N ASN A 15 -7.12 -10.47 -1.61
CA ASN A 15 -6.52 -11.43 -2.52
C ASN A 15 -5.01 -11.18 -2.60
N ASP A 16 -4.35 -11.47 -1.49
CA ASP A 16 -2.90 -11.28 -1.43
C ASP A 16 -2.59 -9.82 -1.08
N SER A 17 -1.71 -9.65 -0.12
CA SER A 17 -1.32 -8.32 0.31
C SER A 17 -0.60 -7.59 -0.82
N GLN A 18 -0.04 -8.38 -1.74
CA GLN A 18 0.67 -7.82 -2.87
C GLN A 18 -0.30 -7.11 -3.81
N LEU A 19 -1.56 -7.52 -3.73
CA LEU A 19 -2.59 -6.93 -4.57
C LEU A 19 -2.84 -5.48 -4.12
N ALA A 20 -3.16 -5.34 -2.84
CA ALA A 20 -3.42 -4.03 -2.27
C ALA A 20 -2.13 -3.22 -2.24
N TRP A 21 -1.02 -3.94 -2.07
CA TRP A 21 0.28 -3.30 -2.02
C TRP A 21 0.65 -2.86 -3.44
N ASP A 22 0.44 -3.77 -4.38
CA ASP A 22 0.74 -3.49 -5.77
C ASP A 22 -0.22 -2.42 -6.29
N THR A 23 -1.22 -2.12 -5.48
CA THR A 23 -2.21 -1.12 -5.85
C THR A 23 -1.68 0.28 -5.53
N CYS A 24 -1.28 0.46 -4.29
CA CYS A 24 -0.76 1.76 -3.86
C CYS A 24 0.76 1.75 -4.05
N SER A 25 1.41 0.80 -3.40
CA SER A 25 2.85 0.68 -3.49
C SER A 25 3.23 0.06 -4.84
N GLY A 26 2.76 0.69 -5.90
CA GLY A 26 3.04 0.22 -7.25
C GLY A 26 3.38 1.39 -8.18
N GLY A 27 2.56 1.54 -9.21
CA GLY A 27 2.76 2.60 -10.18
C GLY A 27 1.74 3.72 -9.99
N THR A 28 0.47 3.33 -10.01
CA THR A 28 -0.62 4.28 -9.84
C THR A 28 -1.67 3.72 -8.88
N GLY A 29 -2.90 4.18 -9.08
CA GLY A 29 -4.00 3.73 -8.24
C GLY A 29 -4.21 4.68 -7.05
N ASN A 30 -4.41 4.08 -5.89
CA ASN A 30 -4.62 4.85 -4.67
C ASN A 30 -3.31 4.92 -3.88
N CYS A 31 -2.22 5.09 -4.63
CA CYS A 31 -0.91 5.17 -4.00
C CYS A 31 -0.81 6.49 -3.24
N GLY A 32 -0.39 6.39 -1.99
CA GLY A 32 -0.27 7.55 -1.14
C GLY A 32 0.20 7.16 0.27
N THR A 33 0.18 8.14 1.16
CA THR A 33 0.59 7.91 2.53
C THR A 33 -0.57 7.37 3.35
N VAL A 34 -1.74 7.33 2.72
CA VAL A 34 -2.94 6.83 3.38
C VAL A 34 -2.96 5.31 3.30
N CYS A 35 -2.47 4.80 2.19
CA CYS A 35 -2.42 3.36 1.97
C CYS A 35 -1.53 2.73 3.04
N CYS A 36 -0.72 3.59 3.66
CA CYS A 36 0.19 3.13 4.70
C CYS A 36 -0.63 2.39 5.77
N GLY A 37 -1.31 3.17 6.59
CA GLY A 37 -2.13 2.61 7.65
C GLY A 37 -3.54 2.30 7.14
N GLN A 38 -3.59 1.64 6.00
CA GLN A 38 -4.87 1.29 5.40
C GLN A 38 -4.97 -0.23 5.24
N CYS A 39 -3.99 -0.79 4.53
CA CYS A 39 -3.96 -2.22 4.30
C CYS A 39 -2.78 -2.80 5.07
N PHE A 40 -1.87 -1.93 5.45
CA PHE A 40 -0.70 -2.35 6.21
C PHE A 40 -0.44 -1.41 7.38
N SER A 41 0.57 -1.77 8.17
CA SER A 41 0.94 -0.96 9.33
C SER A 41 2.46 -0.93 9.48
N PHE A 42 2.93 0.09 10.18
CA PHE A 42 4.35 0.25 10.40
C PHE A 42 4.95 -1.00 11.05
N PRO A 43 6.27 -1.19 10.82
CA PRO A 43 7.04 -0.25 10.02
C PRO A 43 6.72 -0.41 8.53
N VAL A 44 5.73 -1.24 8.25
CA VAL A 44 5.31 -1.49 6.88
C VAL A 44 4.63 -0.24 6.33
N SER A 45 3.86 0.41 7.19
CA SER A 45 3.15 1.61 6.79
C SER A 45 4.12 2.61 6.16
N GLN A 46 5.40 2.40 6.43
CA GLN A 46 6.43 3.27 5.89
C GLN A 46 6.86 2.79 4.51
N SER A 47 6.67 1.50 4.27
CA SER A 47 7.03 0.91 3.00
C SER A 47 6.01 1.30 1.93
N CYS A 48 4.75 1.34 2.34
CA CYS A 48 3.68 1.69 1.43
C CYS A 48 4.02 3.03 0.78
N ALA A 49 4.04 4.07 1.61
CA ALA A 49 4.35 5.40 1.14
C ALA A 49 5.73 5.40 0.47
N GLY A 50 6.49 4.36 0.79
CA GLY A 50 7.83 4.22 0.24
C GLY A 50 7.78 3.70 -1.20
N MET A 51 7.12 2.56 -1.36
CA MET A 51 6.99 1.94 -2.67
C MET A 51 5.78 2.51 -3.42
N ALA A 52 5.37 3.70 -3.01
CA ALA A 52 4.24 4.36 -3.63
C ALA A 52 4.72 5.14 -4.87
N ASP A 53 5.55 4.47 -5.66
CA ASP A 53 6.07 5.08 -6.87
C ASP A 53 6.74 6.41 -6.51
N SER A 54 7.40 6.99 -7.49
CA SER A 54 8.08 8.26 -7.30
C SER A 54 7.20 9.41 -7.80
N ASN A 55 7.35 9.71 -9.09
CA ASN A 55 6.57 10.77 -9.70
C ASN A 55 5.64 10.18 -10.75
N ASP A 56 5.83 8.89 -11.01
CA ASP A 56 5.00 8.19 -11.98
C ASP A 56 3.61 7.95 -11.40
N CYS A 57 3.48 8.28 -10.11
CA CYS A 57 2.22 8.10 -9.42
C CYS A 57 1.35 9.33 -9.69
N PRO A 58 0.00 9.10 -9.68
CA PRO A 58 -0.94 10.18 -9.91
C PRO A 58 -1.05 11.09 -8.68
N ASN A 59 0.08 11.62 -8.28
CA ASN A 59 0.12 12.51 -7.12
C ASN A 59 -0.19 13.94 -7.56
N ALA A 60 -0.42 14.79 -6.58
CA ALA A 60 -0.74 16.18 -6.85
C ALA A 60 -1.85 16.25 -7.90
N ASP A 1 8.56 -8.97 5.51
CA ASP A 1 7.32 -9.43 4.90
C ASP A 1 6.22 -8.40 5.16
N ILE A 2 5.25 -8.38 4.25
CA ILE A 2 4.15 -7.45 4.37
C ILE A 2 2.87 -8.23 4.71
N GLU A 3 2.79 -9.43 4.16
CA GLU A 3 1.64 -10.29 4.39
C GLU A 3 1.38 -10.45 5.90
N ASP A 4 2.47 -10.35 6.65
CA ASP A 4 2.38 -10.48 8.10
C ASP A 4 1.76 -9.21 8.68
N PHE A 5 1.67 -8.20 7.84
CA PHE A 5 1.10 -6.92 8.26
C PHE A 5 -0.12 -6.56 7.42
N TYR A 6 -0.66 -7.57 6.75
CA TYR A 6 -1.82 -7.37 5.90
C TYR A 6 -3.10 -7.27 6.74
N THR A 7 -3.79 -6.15 6.58
CA THR A 7 -5.02 -5.92 7.31
C THR A 7 -6.22 -6.00 6.37
N SER A 8 -6.75 -7.20 6.22
CA SER A 8 -7.89 -7.42 5.35
C SER A 8 -9.16 -6.92 6.03
N GLU A 9 -8.99 -6.41 7.24
CA GLU A 9 -10.11 -5.90 8.01
C GLU A 9 -10.52 -4.51 7.49
N THR A 10 -9.51 -3.70 7.19
CA THR A 10 -9.76 -2.37 6.69
C THR A 10 -9.42 -2.29 5.19
N CYS A 11 -8.53 -3.18 4.78
CA CYS A 11 -8.11 -3.22 3.39
C CYS A 11 -9.33 -3.59 2.53
N PRO A 12 -9.47 -2.85 1.39
CA PRO A 12 -10.58 -3.09 0.48
C PRO A 12 -10.35 -4.36 -0.33
N TYR A 13 -9.20 -4.99 -0.09
CA TYR A 13 -8.86 -6.22 -0.78
C TYR A 13 -8.58 -7.35 0.20
N LYS A 14 -8.89 -8.57 -0.23
CA LYS A 14 -8.68 -9.74 0.60
C LYS A 14 -8.09 -10.85 -0.25
N ASN A 15 -7.32 -10.46 -1.26
CA ASN A 15 -6.70 -11.41 -2.16
C ASN A 15 -5.19 -11.14 -2.20
N ASP A 16 -4.52 -11.50 -1.12
CA ASP A 16 -3.08 -11.30 -1.03
C ASP A 16 -2.79 -9.83 -0.73
N SER A 17 -2.01 -9.61 0.32
CA SER A 17 -1.66 -8.26 0.72
C SER A 17 -0.87 -7.57 -0.40
N GLN A 18 -0.30 -8.39 -1.26
CA GLN A 18 0.49 -7.87 -2.38
C GLN A 18 -0.44 -7.22 -3.41
N LEU A 19 -1.68 -7.67 -3.42
CA LEU A 19 -2.66 -7.14 -4.34
C LEU A 19 -2.95 -5.67 -3.99
N ALA A 20 -3.34 -5.46 -2.74
CA ALA A 20 -3.64 -4.12 -2.27
C ALA A 20 -2.37 -3.27 -2.33
N TRP A 21 -1.24 -3.93 -2.22
CA TRP A 21 0.04 -3.25 -2.26
C TRP A 21 0.34 -2.90 -3.71
N ASP A 22 0.06 -3.86 -4.59
CA ASP A 22 0.29 -3.65 -6.01
C ASP A 22 -0.62 -2.53 -6.53
N THR A 23 -1.62 -2.21 -5.72
CA THR A 23 -2.57 -1.18 -6.08
C THR A 23 -2.00 0.20 -5.72
N CYS A 24 -1.55 0.32 -4.48
CA CYS A 24 -0.99 1.57 -4.01
C CYS A 24 0.50 1.59 -4.33
N SER A 25 1.24 0.76 -3.60
CA SER A 25 2.67 0.67 -3.81
C SER A 25 2.98 -0.19 -5.04
N GLY A 26 2.34 0.18 -6.15
CA GLY A 26 2.53 -0.55 -7.40
C GLY A 26 2.97 0.39 -8.52
N GLY A 27 3.15 1.65 -8.15
CA GLY A 27 3.57 2.66 -9.11
C GLY A 27 2.39 3.52 -9.54
N THR A 28 1.22 2.90 -9.60
CA THR A 28 0.01 3.60 -9.99
C THR A 28 -1.14 3.24 -9.05
N GLY A 29 -2.35 3.55 -9.50
CA GLY A 29 -3.54 3.27 -8.72
C GLY A 29 -3.82 4.38 -7.71
N ASN A 30 -4.11 3.98 -6.49
CA ASN A 30 -4.41 4.93 -5.43
C ASN A 30 -3.19 5.04 -4.51
N CYS A 31 -2.01 5.02 -5.11
CA CYS A 31 -0.77 5.12 -4.36
C CYS A 31 -0.80 6.42 -3.55
N GLY A 32 -0.48 6.28 -2.28
CA GLY A 32 -0.46 7.43 -1.38
C GLY A 32 0.04 7.03 0.01
N THR A 33 0.02 8.00 0.91
CA THR A 33 0.47 7.76 2.27
C THR A 33 -0.67 7.20 3.13
N VAL A 34 -1.85 7.16 2.52
CA VAL A 34 -3.03 6.64 3.20
C VAL A 34 -3.01 5.11 3.15
N CYS A 35 -2.52 4.60 2.04
CA CYS A 35 -2.44 3.16 1.84
C CYS A 35 -1.51 2.58 2.91
N CYS A 36 -0.73 3.47 3.51
CA CYS A 36 0.19 3.06 4.55
C CYS A 36 -0.59 2.30 5.63
N GLY A 37 -1.28 3.08 6.45
CA GLY A 37 -2.07 2.50 7.53
C GLY A 37 -3.48 2.16 7.05
N GLN A 38 -3.53 1.46 5.92
CA GLN A 38 -4.80 1.06 5.35
C GLN A 38 -4.87 -0.46 5.23
N CYS A 39 -3.92 -1.01 4.49
CA CYS A 39 -3.87 -2.45 4.28
C CYS A 39 -2.61 -2.98 4.99
N PHE A 40 -1.74 -2.07 5.36
CA PHE A 40 -0.51 -2.43 6.04
C PHE A 40 -0.25 -1.49 7.22
N SER A 41 0.79 -1.83 7.99
CA SER A 41 1.16 -1.04 9.14
C SER A 41 2.68 -0.97 9.26
N PHE A 42 3.14 0.06 9.95
CA PHE A 42 4.57 0.27 10.14
C PHE A 42 5.21 -0.98 10.76
N PRO A 43 6.55 -1.13 10.48
CA PRO A 43 7.25 -0.16 9.66
C PRO A 43 6.89 -0.32 8.19
N VAL A 44 5.92 -1.18 7.94
CA VAL A 44 5.47 -1.43 6.58
C VAL A 44 4.74 -0.19 6.04
N SER A 45 3.98 0.44 6.94
CA SER A 45 3.23 1.63 6.57
C SER A 45 4.16 2.66 5.91
N GLN A 46 5.46 2.46 6.12
CA GLN A 46 6.46 3.34 5.56
C GLN A 46 6.84 2.89 4.15
N SER A 47 6.74 1.59 3.94
CA SER A 47 7.08 1.01 2.65
C SER A 47 6.01 1.39 1.62
N CYS A 48 4.78 1.41 2.08
CA CYS A 48 3.66 1.75 1.21
C CYS A 48 3.96 3.11 0.56
N ALA A 49 3.97 4.13 1.39
CA ALA A 49 4.24 5.48 0.91
C ALA A 49 5.61 5.50 0.21
N GLY A 50 6.39 4.49 0.50
CA GLY A 50 7.72 4.38 -0.09
C GLY A 50 7.64 3.85 -1.52
N MET A 51 7.00 2.69 -1.66
CA MET A 51 6.86 2.08 -2.96
C MET A 51 5.64 2.62 -3.70
N ALA A 52 5.14 3.75 -3.20
CA ALA A 52 3.99 4.39 -3.80
C ALA A 52 4.44 5.38 -4.86
N ASP A 53 5.62 5.13 -5.40
CA ASP A 53 6.19 5.98 -6.42
C ASP A 53 6.35 7.40 -5.87
N SER A 54 7.29 8.13 -6.43
CA SER A 54 7.55 9.49 -6.01
C SER A 54 6.80 10.48 -6.91
N ASN A 55 7.39 10.73 -8.07
CA ASN A 55 6.80 11.65 -9.03
C ASN A 55 6.23 10.84 -10.21
N ASP A 56 6.53 9.55 -10.21
CA ASP A 56 6.08 8.67 -11.27
C ASP A 56 4.58 8.41 -11.10
N CYS A 57 4.12 8.62 -9.87
CA CYS A 57 2.72 8.40 -9.56
C CYS A 57 1.93 9.63 -10.00
N PRO A 58 0.57 9.53 -9.87
CA PRO A 58 -0.30 10.63 -10.25
C PRO A 58 -0.24 11.76 -9.22
N ASN A 59 0.96 12.26 -9.01
CA ASN A 59 1.17 13.34 -8.06
C ASN A 59 1.79 14.53 -8.78
N ALA A 60 2.08 15.57 -8.00
CA ALA A 60 2.67 16.78 -8.56
C ALA A 60 4.00 16.41 -9.23
N ASP A 1 8.40 -8.47 4.56
CA ASP A 1 7.27 -9.13 5.20
C ASP A 1 6.13 -8.12 5.38
N ILE A 2 5.22 -8.13 4.41
CA ILE A 2 4.09 -7.22 4.45
C ILE A 2 2.81 -8.02 4.72
N GLU A 3 2.76 -9.21 4.15
CA GLU A 3 1.62 -10.09 4.33
C GLU A 3 1.33 -10.30 5.81
N ASP A 4 2.39 -10.24 6.61
CA ASP A 4 2.26 -10.41 8.04
C ASP A 4 1.64 -9.16 8.66
N PHE A 5 1.63 -8.09 7.87
CA PHE A 5 1.07 -6.83 8.31
C PHE A 5 -0.11 -6.41 7.43
N TYR A 6 -0.64 -7.38 6.70
CA TYR A 6 -1.76 -7.12 5.83
C TYR A 6 -3.07 -7.04 6.61
N THR A 7 -3.77 -5.93 6.42
CA THR A 7 -5.03 -5.72 7.10
C THR A 7 -6.21 -5.83 6.12
N SER A 8 -6.63 -7.07 5.89
CA SER A 8 -7.73 -7.33 4.98
C SER A 8 -9.05 -6.84 5.58
N GLU A 9 -8.94 -6.36 6.83
CA GLU A 9 -10.12 -5.86 7.53
C GLU A 9 -10.50 -4.48 7.00
N THR A 10 -9.52 -3.61 6.92
CA THR A 10 -9.74 -2.26 6.43
C THR A 10 -9.39 -2.17 4.95
N CYS A 11 -8.50 -3.06 4.53
CA CYS A 11 -8.06 -3.09 3.13
C CYS A 11 -9.27 -3.44 2.26
N PRO A 12 -9.40 -2.69 1.13
CA PRO A 12 -10.50 -2.92 0.21
C PRO A 12 -10.28 -4.19 -0.61
N TYR A 13 -9.10 -4.77 -0.44
CA TYR A 13 -8.75 -5.98 -1.15
C TYR A 13 -8.48 -7.14 -0.18
N LYS A 14 -8.83 -8.34 -0.62
CA LYS A 14 -8.62 -9.52 0.20
C LYS A 14 -8.06 -10.64 -0.67
N ASN A 15 -7.23 -10.25 -1.62
CA ASN A 15 -6.60 -11.21 -2.52
C ASN A 15 -5.09 -11.02 -2.50
N ASP A 16 -4.51 -11.26 -1.33
CA ASP A 16 -3.07 -11.12 -1.17
C ASP A 16 -2.74 -9.66 -0.84
N SER A 17 -1.72 -9.49 -0.01
CA SER A 17 -1.30 -8.16 0.39
C SER A 17 -0.58 -7.46 -0.77
N GLN A 18 0.10 -8.28 -1.58
CA GLN A 18 0.83 -7.76 -2.72
C GLN A 18 -0.14 -7.13 -3.72
N LEU A 19 -1.41 -7.46 -3.57
CA LEU A 19 -2.44 -6.92 -4.44
C LEU A 19 -2.69 -5.46 -4.10
N ALA A 20 -3.09 -5.24 -2.85
CA ALA A 20 -3.37 -3.89 -2.39
C ALA A 20 -2.07 -3.09 -2.34
N TRP A 21 -0.97 -3.81 -2.19
CA TRP A 21 0.34 -3.18 -2.13
C TRP A 21 0.76 -2.85 -3.56
N ASP A 22 0.50 -3.78 -4.45
CA ASP A 22 0.84 -3.59 -5.86
C ASP A 22 0.03 -2.44 -6.42
N THR A 23 -0.98 -2.03 -5.67
CA THR A 23 -1.84 -0.94 -6.09
C THR A 23 -1.42 0.36 -5.40
N CYS A 24 -1.47 0.34 -4.09
CA CYS A 24 -1.09 1.51 -3.30
C CYS A 24 0.41 1.75 -3.49
N SER A 25 1.18 0.71 -3.22
CA SER A 25 2.63 0.80 -3.36
C SER A 25 3.05 0.32 -4.75
N GLY A 26 2.46 0.93 -5.76
CA GLY A 26 2.76 0.57 -7.13
C GLY A 26 2.96 1.83 -7.99
N GLY A 27 2.73 1.66 -9.28
CA GLY A 27 2.88 2.76 -10.21
C GLY A 27 1.54 3.47 -10.45
N THR A 28 0.47 2.73 -10.19
CA THR A 28 -0.87 3.28 -10.37
C THR A 28 -1.74 2.94 -9.16
N GLY A 29 -3.04 2.86 -9.42
CA GLY A 29 -4.00 2.55 -8.37
C GLY A 29 -4.21 3.75 -7.45
N ASN A 30 -4.07 3.50 -6.16
CA ASN A 30 -4.26 4.55 -5.17
C ASN A 30 -3.06 4.57 -4.21
N CYS A 31 -1.97 5.14 -4.68
CA CYS A 31 -0.76 5.22 -3.88
C CYS A 31 -0.86 6.45 -2.99
N GLY A 32 -0.22 6.36 -1.83
CA GLY A 32 -0.22 7.46 -0.87
C GLY A 32 0.21 6.98 0.51
N THR A 33 0.23 7.92 1.44
CA THR A 33 0.62 7.60 2.81
C THR A 33 -0.59 7.09 3.60
N VAL A 34 -1.74 7.12 2.95
CA VAL A 34 -2.97 6.66 3.57
C VAL A 34 -2.97 5.13 3.63
N CYS A 35 -2.50 4.53 2.54
CA CYS A 35 -2.45 3.08 2.45
C CYS A 35 -1.48 2.57 3.51
N CYS A 36 -0.70 3.50 4.05
CA CYS A 36 0.28 3.16 5.08
C CYS A 36 -0.46 2.42 6.20
N GLY A 37 -1.51 3.06 6.68
CA GLY A 37 -2.31 2.49 7.76
C GLY A 37 -3.72 2.15 7.27
N GLN A 38 -3.79 1.61 6.07
CA GLN A 38 -5.07 1.24 5.49
C GLN A 38 -5.10 -0.26 5.17
N CYS A 39 -4.04 -0.71 4.50
CA CYS A 39 -3.95 -2.12 4.14
C CYS A 39 -2.78 -2.73 4.93
N PHE A 40 -1.88 -1.87 5.35
CA PHE A 40 -0.72 -2.32 6.12
C PHE A 40 -0.46 -1.39 7.31
N SER A 41 0.63 -1.66 8.01
CA SER A 41 1.00 -0.87 9.17
C SER A 41 2.52 -0.87 9.35
N PHE A 42 3.00 0.15 10.04
CA PHE A 42 4.43 0.28 10.29
C PHE A 42 4.98 -0.98 10.95
N PRO A 43 6.31 -1.21 10.76
CA PRO A 43 7.11 -0.30 9.96
C PRO A 43 6.82 -0.47 8.47
N VAL A 44 5.80 -1.27 8.18
CA VAL A 44 5.41 -1.53 6.81
C VAL A 44 4.77 -0.27 6.22
N SER A 45 4.00 0.41 7.05
CA SER A 45 3.33 1.63 6.62
C SER A 45 4.34 2.59 5.98
N GLN A 46 5.61 2.37 6.31
CA GLN A 46 6.67 3.20 5.78
C GLN A 46 7.04 2.74 4.37
N SER A 47 6.86 1.45 4.13
CA SER A 47 7.18 0.88 2.83
C SER A 47 6.09 1.24 1.83
N CYS A 48 4.85 1.28 2.32
CA CYS A 48 3.72 1.61 1.48
C CYS A 48 4.00 2.96 0.81
N ALA A 49 4.15 3.98 1.64
CA ALA A 49 4.42 5.31 1.15
C ALA A 49 5.79 5.34 0.46
N GLY A 50 6.55 4.27 0.70
CA GLY A 50 7.88 4.16 0.11
C GLY A 50 7.80 3.63 -1.32
N MET A 51 7.14 2.50 -1.47
CA MET A 51 6.99 1.88 -2.78
C MET A 51 5.77 2.46 -3.52
N ALA A 52 5.35 3.64 -3.08
CA ALA A 52 4.21 4.29 -3.69
C ALA A 52 4.70 5.17 -4.85
N ASP A 53 5.64 4.63 -5.60
CA ASP A 53 6.20 5.35 -6.73
C ASP A 53 6.66 6.74 -6.29
N SER A 54 7.28 7.45 -7.21
CA SER A 54 7.76 8.79 -6.92
C SER A 54 6.81 9.83 -7.51
N ASN A 55 7.05 10.16 -8.77
CA ASN A 55 6.22 11.14 -9.46
C ASN A 55 5.46 10.45 -10.60
N ASP A 56 5.83 9.20 -10.84
CA ASP A 56 5.20 8.42 -11.88
C ASP A 56 3.79 8.00 -11.43
N CYS A 57 3.51 8.28 -10.16
CA CYS A 57 2.22 7.94 -9.60
C CYS A 57 1.18 8.93 -10.12
N PRO A 58 -0.11 8.57 -9.92
CA PRO A 58 -1.20 9.42 -10.38
C PRO A 58 -1.37 10.63 -9.45
N ASN A 59 -0.28 11.37 -9.32
CA ASN A 59 -0.29 12.56 -8.47
C ASN A 59 -0.86 13.73 -9.26
N ALA A 60 -1.27 14.76 -8.52
CA ALA A 60 -1.84 15.95 -9.14
C ALA A 60 -2.75 15.53 -10.29
N ASP A 1 8.49 -8.44 4.72
CA ASP A 1 7.28 -9.15 5.11
C ASP A 1 6.15 -8.16 5.30
N ILE A 2 5.19 -8.20 4.38
CA ILE A 2 4.05 -7.31 4.44
C ILE A 2 2.79 -8.12 4.76
N GLU A 3 2.75 -9.32 4.22
CA GLU A 3 1.62 -10.21 4.44
C GLU A 3 1.35 -10.37 5.93
N ASP A 4 2.42 -10.27 6.71
CA ASP A 4 2.32 -10.40 8.15
C ASP A 4 1.69 -9.13 8.73
N PHE A 5 1.64 -8.10 7.90
CA PHE A 5 1.06 -6.83 8.31
C PHE A 5 -0.13 -6.46 7.43
N TYR A 6 -0.69 -7.46 6.78
CA TYR A 6 -1.82 -7.25 5.90
C TYR A 6 -3.12 -7.11 6.72
N THR A 7 -3.77 -5.98 6.53
CA THR A 7 -5.01 -5.71 7.23
C THR A 7 -6.20 -5.84 6.28
N SER A 8 -6.67 -7.07 6.13
CA SER A 8 -7.80 -7.33 5.26
C SER A 8 -9.09 -6.81 5.88
N GLU A 9 -8.95 -6.27 7.09
CA GLU A 9 -10.09 -5.73 7.81
C GLU A 9 -10.49 -4.37 7.21
N THR A 10 -9.48 -3.52 7.05
CA THR A 10 -9.71 -2.19 6.49
C THR A 10 -9.37 -2.17 5.00
N CYS A 11 -8.49 -3.08 4.62
CA CYS A 11 -8.08 -3.17 3.22
C CYS A 11 -9.30 -3.54 2.38
N PRO A 12 -9.42 -2.86 1.21
CA PRO A 12 -10.52 -3.12 0.30
C PRO A 12 -10.33 -4.44 -0.44
N TYR A 13 -9.19 -5.06 -0.20
CA TYR A 13 -8.88 -6.33 -0.84
C TYR A 13 -8.47 -7.38 0.20
N LYS A 14 -8.97 -8.59 -0.01
CA LYS A 14 -8.66 -9.69 0.89
C LYS A 14 -8.23 -10.91 0.08
N ASN A 15 -7.63 -10.63 -1.07
CA ASN A 15 -7.16 -11.69 -1.94
C ASN A 15 -5.68 -11.96 -1.68
N ASP A 16 -4.94 -10.88 -1.52
CA ASP A 16 -3.51 -10.97 -1.26
C ASP A 16 -2.99 -9.62 -0.75
N SER A 17 -1.97 -9.69 0.10
CA SER A 17 -1.37 -8.49 0.65
C SER A 17 -0.63 -7.72 -0.45
N GLN A 18 -0.01 -8.47 -1.34
CA GLN A 18 0.74 -7.87 -2.44
C GLN A 18 -0.23 -7.25 -3.45
N LEU A 19 -1.45 -7.77 -3.45
CA LEU A 19 -2.47 -7.28 -4.37
C LEU A 19 -2.77 -5.80 -4.04
N ALA A 20 -3.23 -5.58 -2.82
CA ALA A 20 -3.55 -4.24 -2.38
C ALA A 20 -2.30 -3.36 -2.48
N TRP A 21 -1.16 -3.97 -2.21
CA TRP A 21 0.10 -3.26 -2.25
C TRP A 21 0.39 -2.91 -3.72
N ASP A 22 0.09 -3.86 -4.60
CA ASP A 22 0.32 -3.68 -6.02
C ASP A 22 -0.59 -2.55 -6.53
N THR A 23 -1.55 -2.18 -5.68
CA THR A 23 -2.49 -1.12 -6.04
C THR A 23 -1.91 0.24 -5.63
N CYS A 24 -1.57 0.35 -4.36
CA CYS A 24 -1.01 1.59 -3.84
C CYS A 24 0.48 1.63 -4.18
N SER A 25 1.23 0.75 -3.54
CA SER A 25 2.66 0.68 -3.76
C SER A 25 2.95 -0.13 -5.03
N GLY A 26 2.28 0.26 -6.10
CA GLY A 26 2.45 -0.41 -7.38
C GLY A 26 2.82 0.60 -8.48
N GLY A 27 2.98 1.84 -8.06
CA GLY A 27 3.32 2.90 -9.01
C GLY A 27 2.08 3.66 -9.46
N THR A 28 0.98 2.93 -9.56
CA THR A 28 -0.28 3.52 -9.98
C THR A 28 -1.39 3.21 -8.96
N GLY A 29 -2.61 3.18 -9.45
CA GLY A 29 -3.76 2.91 -8.60
C GLY A 29 -4.00 4.06 -7.62
N ASN A 30 -4.03 3.71 -6.34
CA ASN A 30 -4.25 4.70 -5.30
C ASN A 30 -3.05 4.73 -4.36
N CYS A 31 -1.90 5.01 -4.95
CA CYS A 31 -0.66 5.08 -4.18
C CYS A 31 -0.72 6.31 -3.28
N GLY A 32 -0.03 6.21 -2.15
CA GLY A 32 0.00 7.30 -1.19
C GLY A 32 0.22 6.79 0.23
N THR A 33 0.33 7.72 1.16
CA THR A 33 0.54 7.37 2.56
C THR A 33 -0.75 6.81 3.16
N VAL A 34 -1.79 6.82 2.36
CA VAL A 34 -3.09 6.32 2.80
C VAL A 34 -3.01 4.80 2.96
N CYS A 35 -2.57 4.15 1.89
CA CYS A 35 -2.44 2.70 1.90
C CYS A 35 -1.43 2.31 2.98
N CYS A 36 -0.66 3.30 3.41
CA CYS A 36 0.35 3.08 4.43
C CYS A 36 -0.34 2.46 5.65
N GLY A 37 -1.41 3.12 6.08
CA GLY A 37 -2.17 2.66 7.24
C GLY A 37 -3.58 2.26 6.84
N GLN A 38 -3.67 1.58 5.71
CA GLN A 38 -4.97 1.13 5.20
C GLN A 38 -5.00 -0.39 5.07
N CYS A 39 -4.00 -0.91 4.37
CA CYS A 39 -3.89 -2.34 4.16
C CYS A 39 -2.68 -2.85 4.94
N PHE A 40 -1.80 -1.92 5.28
CA PHE A 40 -0.60 -2.26 6.01
C PHE A 40 -0.34 -1.26 7.14
N SER A 41 0.71 -1.53 7.90
CA SER A 41 1.07 -0.66 9.01
C SER A 41 2.59 -0.67 9.21
N PHE A 42 3.08 0.40 9.82
CA PHE A 42 4.50 0.53 10.08
C PHE A 42 5.04 -0.70 10.82
N PRO A 43 6.36 -0.95 10.63
CA PRO A 43 7.17 -0.09 9.78
C PRO A 43 6.89 -0.34 8.31
N VAL A 44 5.84 -1.11 8.07
CA VAL A 44 5.44 -1.44 6.70
C VAL A 44 4.85 -0.19 6.04
N SER A 45 4.09 0.55 6.82
CA SER A 45 3.46 1.76 6.31
C SER A 45 4.52 2.66 5.66
N GLN A 46 5.77 2.41 6.02
CA GLN A 46 6.88 3.18 5.47
C GLN A 46 7.20 2.71 4.06
N SER A 47 6.99 1.42 3.83
CA SER A 47 7.26 0.84 2.53
C SER A 47 6.16 1.22 1.54
N CYS A 48 4.92 1.15 2.03
CA CYS A 48 3.78 1.48 1.21
C CYS A 48 3.98 2.89 0.63
N ALA A 49 4.12 3.84 1.53
CA ALA A 49 4.33 5.23 1.14
C ALA A 49 5.68 5.34 0.42
N GLY A 50 6.49 4.30 0.56
CA GLY A 50 7.80 4.29 -0.06
C GLY A 50 7.71 3.81 -1.51
N MET A 51 7.09 2.65 -1.69
CA MET A 51 6.94 2.09 -3.02
C MET A 51 5.69 2.64 -3.71
N ALA A 52 5.19 3.73 -3.16
CA ALA A 52 4.00 4.37 -3.70
C ALA A 52 4.43 5.43 -4.72
N ASP A 53 5.54 5.16 -5.38
CA ASP A 53 6.07 6.07 -6.38
C ASP A 53 6.31 7.43 -5.74
N SER A 54 7.17 8.21 -6.38
CA SER A 54 7.49 9.54 -5.88
C SER A 54 6.77 10.60 -6.71
N ASN A 55 7.25 10.78 -7.94
CA ASN A 55 6.66 11.76 -8.84
C ASN A 55 6.07 11.04 -10.06
N ASP A 56 6.35 9.74 -10.13
CA ASP A 56 5.85 8.93 -11.23
C ASP A 56 4.37 8.66 -11.03
N CYS A 57 3.93 8.79 -9.79
CA CYS A 57 2.54 8.57 -9.45
C CYS A 57 1.73 9.79 -9.91
N PRO A 58 0.42 9.55 -10.15
CA PRO A 58 -0.47 10.62 -10.59
C PRO A 58 -0.82 11.56 -9.43
N ASN A 59 0.23 12.10 -8.82
CA ASN A 59 0.06 13.01 -7.70
C ASN A 59 -0.05 14.44 -8.23
N ALA A 60 -0.57 15.32 -7.37
CA ALA A 60 -0.72 16.71 -7.74
C ALA A 60 0.65 17.36 -7.89
N ASP A 1 8.47 -8.87 5.14
CA ASP A 1 7.22 -9.58 5.25
C ASP A 1 6.09 -8.57 5.49
N ILE A 2 5.32 -8.33 4.44
CA ILE A 2 4.21 -7.39 4.52
C ILE A 2 2.93 -8.16 4.87
N GLU A 3 2.84 -9.35 4.34
CA GLU A 3 1.68 -10.19 4.58
C GLU A 3 1.45 -10.35 6.10
N ASP A 4 2.54 -10.31 6.84
CA ASP A 4 2.48 -10.44 8.28
C ASP A 4 1.93 -9.16 8.88
N PHE A 5 1.72 -8.17 8.02
CA PHE A 5 1.21 -6.89 8.44
C PHE A 5 -0.01 -6.47 7.61
N TYR A 6 -0.54 -7.44 6.89
CA TYR A 6 -1.71 -7.20 6.04
C TYR A 6 -2.99 -7.18 6.88
N THR A 7 -3.77 -6.12 6.68
CA THR A 7 -5.02 -5.97 7.40
C THR A 7 -6.20 -5.99 6.43
N SER A 8 -6.73 -7.19 6.23
CA SER A 8 -7.86 -7.37 5.32
C SER A 8 -9.13 -6.83 5.98
N GLU A 9 -8.98 -6.38 7.22
CA GLU A 9 -10.11 -5.83 7.96
C GLU A 9 -10.45 -4.43 7.46
N THR A 10 -9.40 -3.65 7.24
CA THR A 10 -9.58 -2.28 6.77
C THR A 10 -9.26 -2.20 5.28
N CYS A 11 -8.41 -3.11 4.83
CA CYS A 11 -8.02 -3.15 3.43
C CYS A 11 -9.26 -3.45 2.58
N PRO A 12 -9.39 -2.69 1.47
CA PRO A 12 -10.53 -2.87 0.57
C PRO A 12 -10.37 -4.15 -0.27
N TYR A 13 -9.13 -4.59 -0.38
CA TYR A 13 -8.83 -5.80 -1.14
C TYR A 13 -8.57 -6.99 -0.21
N LYS A 14 -8.32 -8.13 -0.83
CA LYS A 14 -8.05 -9.34 -0.07
C LYS A 14 -7.22 -10.31 -0.93
N ASN A 15 -7.34 -11.58 -0.62
CA ASN A 15 -6.61 -12.61 -1.34
C ASN A 15 -5.15 -12.60 -0.89
N ASP A 16 -4.49 -11.49 -1.15
CA ASP A 16 -3.09 -11.35 -0.77
C ASP A 16 -2.79 -9.88 -0.46
N SER A 17 -1.67 -9.66 0.22
CA SER A 17 -1.27 -8.32 0.59
C SER A 17 -0.59 -7.64 -0.59
N GLN A 18 0.03 -8.45 -1.43
CA GLN A 18 0.73 -7.94 -2.60
C GLN A 18 -0.27 -7.33 -3.58
N LEU A 19 -1.54 -7.68 -3.39
CA LEU A 19 -2.60 -7.18 -4.25
C LEU A 19 -2.84 -5.71 -3.94
N ALA A 20 -3.30 -5.46 -2.72
CA ALA A 20 -3.58 -4.09 -2.29
C ALA A 20 -2.30 -3.27 -2.38
N TRP A 21 -1.17 -3.95 -2.26
CA TRP A 21 0.12 -3.29 -2.34
C TRP A 21 0.36 -2.86 -3.78
N ASP A 22 -0.02 -3.75 -4.69
CA ASP A 22 0.14 -3.47 -6.12
C ASP A 22 -0.81 -2.36 -6.52
N THR A 23 -1.80 -2.11 -5.67
CA THR A 23 -2.78 -1.08 -5.93
C THR A 23 -2.18 0.30 -5.69
N CYS A 24 -1.67 0.48 -4.48
CA CYS A 24 -1.06 1.75 -4.10
C CYS A 24 0.43 1.68 -4.43
N SER A 25 1.13 0.82 -3.69
CA SER A 25 2.55 0.65 -3.90
C SER A 25 2.81 -0.20 -5.15
N GLY A 26 2.23 0.24 -6.25
CA GLY A 26 2.38 -0.46 -7.51
C GLY A 26 2.75 0.51 -8.64
N GLY A 27 3.03 1.74 -8.24
CA GLY A 27 3.40 2.77 -9.21
C GLY A 27 2.20 3.64 -9.55
N THR A 28 1.05 3.00 -9.65
CA THR A 28 -0.19 3.71 -9.98
C THR A 28 -1.30 3.30 -9.01
N GLY A 29 -2.52 3.60 -9.42
CA GLY A 29 -3.68 3.28 -8.60
C GLY A 29 -3.96 4.39 -7.58
N ASN A 30 -4.26 3.97 -6.36
CA ASN A 30 -4.54 4.90 -5.29
C ASN A 30 -3.31 5.02 -4.39
N CYS A 31 -2.14 4.99 -5.01
CA CYS A 31 -0.89 5.10 -4.29
C CYS A 31 -0.93 6.38 -3.47
N GLY A 32 -0.28 6.32 -2.31
CA GLY A 32 -0.23 7.48 -1.42
C GLY A 32 0.22 7.06 -0.02
N THR A 33 0.23 8.05 0.88
CA THR A 33 0.63 7.80 2.25
C THR A 33 -0.56 7.29 3.07
N VAL A 34 -1.72 7.28 2.44
CA VAL A 34 -2.93 6.82 3.09
C VAL A 34 -3.01 5.29 2.98
N CYS A 35 -2.50 4.78 1.87
CA CYS A 35 -2.50 3.34 1.64
C CYS A 35 -1.66 2.68 2.72
N CYS A 36 -0.81 3.48 3.35
CA CYS A 36 0.06 2.98 4.40
C CYS A 36 -0.81 2.30 5.46
N GLY A 37 -1.47 3.12 6.26
CA GLY A 37 -2.33 2.61 7.31
C GLY A 37 -3.73 2.33 6.77
N GLN A 38 -3.77 1.67 5.63
CA GLN A 38 -5.03 1.33 5.00
C GLN A 38 -5.16 -0.19 4.84
N CYS A 39 -4.03 -0.81 4.56
CA CYS A 39 -3.99 -2.26 4.38
C CYS A 39 -2.87 -2.83 5.26
N PHE A 40 -1.74 -2.14 5.22
CA PHE A 40 -0.58 -2.57 5.99
C PHE A 40 -0.30 -1.59 7.14
N SER A 41 0.68 -1.94 7.95
CA SER A 41 1.05 -1.12 9.08
C SER A 41 2.58 -1.06 9.22
N PHE A 42 3.05 -0.04 9.91
CA PHE A 42 4.48 0.13 10.12
C PHE A 42 5.09 -1.12 10.73
N PRO A 43 6.42 -1.30 10.48
CA PRO A 43 7.15 -0.34 9.67
C PRO A 43 6.81 -0.49 8.18
N VAL A 44 5.83 -1.35 7.92
CA VAL A 44 5.40 -1.60 6.56
C VAL A 44 4.67 -0.36 6.03
N SER A 45 3.91 0.27 6.91
CA SER A 45 3.16 1.46 6.55
C SER A 45 4.10 2.49 5.91
N GLN A 46 5.39 2.30 6.16
CA GLN A 46 6.38 3.21 5.62
C GLN A 46 6.82 2.75 4.22
N SER A 47 6.63 1.46 3.97
CA SER A 47 6.98 0.89 2.68
C SER A 47 5.95 1.28 1.63
N CYS A 48 4.70 1.30 2.06
CA CYS A 48 3.61 1.66 1.16
C CYS A 48 3.93 3.02 0.52
N ALA A 49 4.01 4.03 1.37
CA ALA A 49 4.32 5.36 0.90
C ALA A 49 5.68 5.37 0.22
N GLY A 50 6.44 4.30 0.47
CA GLY A 50 7.75 4.17 -0.11
C GLY A 50 7.68 3.63 -1.54
N MET A 51 6.99 2.51 -1.69
CA MET A 51 6.83 1.89 -2.99
C MET A 51 5.64 2.50 -3.74
N ALA A 52 5.17 3.62 -3.23
CA ALA A 52 4.05 4.30 -3.84
C ALA A 52 4.56 5.32 -4.86
N ASP A 53 5.65 4.95 -5.51
CA ASP A 53 6.26 5.82 -6.51
C ASP A 53 6.60 7.17 -5.87
N SER A 54 7.48 7.89 -6.54
CA SER A 54 7.91 9.20 -6.04
C SER A 54 7.10 10.30 -6.72
N ASN A 55 7.49 10.60 -7.96
CA ASN A 55 6.81 11.62 -8.73
C ASN A 55 6.14 10.99 -9.95
N ASP A 56 6.42 9.71 -10.14
CA ASP A 56 5.86 8.98 -11.25
C ASP A 56 4.38 8.68 -10.97
N CYS A 57 4.02 8.82 -9.70
CA CYS A 57 2.64 8.57 -9.29
C CYS A 57 1.83 9.84 -9.56
N PRO A 58 0.50 9.63 -9.77
CA PRO A 58 -0.40 10.73 -10.04
C PRO A 58 -0.70 11.53 -8.77
N ASN A 59 0.37 11.98 -8.13
CA ASN A 59 0.24 12.75 -6.91
C ASN A 59 0.26 14.24 -7.24
N ALA A 60 -0.18 15.03 -6.27
CA ALA A 60 -0.22 16.47 -6.45
C ALA A 60 -0.66 17.14 -5.15
N ASP A 1 8.11 -9.21 6.59
CA ASP A 1 7.00 -9.66 5.75
C ASP A 1 5.85 -8.65 5.84
N ILE A 2 5.33 -8.32 4.68
CA ILE A 2 4.22 -7.36 4.60
C ILE A 2 2.91 -8.09 4.93
N GLU A 3 2.79 -9.29 4.39
CA GLU A 3 1.59 -10.09 4.61
C GLU A 3 1.33 -10.24 6.11
N ASP A 4 2.40 -10.16 6.88
CA ASP A 4 2.31 -10.29 8.33
C ASP A 4 1.71 -9.00 8.91
N PHE A 5 1.60 -8.00 8.05
CA PHE A 5 1.05 -6.71 8.46
C PHE A 5 -0.16 -6.34 7.61
N TYR A 6 -0.67 -7.33 6.89
CA TYR A 6 -1.81 -7.11 6.03
C TYR A 6 -3.11 -7.07 6.84
N THR A 7 -3.82 -5.95 6.71
CA THR A 7 -5.06 -5.78 7.43
C THR A 7 -6.25 -5.86 6.46
N SER A 8 -6.77 -7.07 6.32
CA SER A 8 -7.89 -7.30 5.42
C SER A 8 -9.17 -6.73 6.05
N GLU A 9 -9.03 -6.21 7.26
CA GLU A 9 -10.15 -5.64 7.97
C GLU A 9 -10.49 -4.26 7.40
N THR A 10 -9.44 -3.45 7.24
CA THR A 10 -9.62 -2.11 6.71
C THR A 10 -9.32 -2.08 5.21
N CYS A 11 -8.51 -3.04 4.78
CA CYS A 11 -8.14 -3.14 3.39
C CYS A 11 -9.40 -3.45 2.58
N PRO A 12 -9.54 -2.75 1.43
CA PRO A 12 -10.69 -2.94 0.56
C PRO A 12 -10.58 -4.26 -0.22
N TYR A 13 -9.35 -4.72 -0.38
CA TYR A 13 -9.09 -5.96 -1.09
C TYR A 13 -8.64 -7.06 -0.12
N LYS A 14 -8.44 -8.24 -0.68
CA LYS A 14 -8.01 -9.38 0.11
C LYS A 14 -7.22 -10.34 -0.78
N ASN A 15 -7.42 -11.63 -0.52
CA ASN A 15 -6.74 -12.66 -1.29
C ASN A 15 -5.26 -12.69 -0.89
N ASP A 16 -4.58 -11.60 -1.17
CA ASP A 16 -3.17 -11.49 -0.84
C ASP A 16 -2.83 -10.03 -0.53
N SER A 17 -1.76 -9.86 0.24
CA SER A 17 -1.31 -8.53 0.60
C SER A 17 -0.62 -7.85 -0.58
N GLN A 18 0.00 -8.67 -1.41
CA GLN A 18 0.70 -8.17 -2.58
C GLN A 18 -0.28 -7.53 -3.55
N LEU A 19 -1.56 -7.87 -3.35
CA LEU A 19 -2.60 -7.34 -4.21
C LEU A 19 -2.84 -5.86 -3.88
N ALA A 20 -3.31 -5.62 -2.67
CA ALA A 20 -3.57 -4.26 -2.22
C ALA A 20 -2.28 -3.45 -2.27
N TRP A 21 -1.17 -4.17 -2.18
CA TRP A 21 0.14 -3.53 -2.22
C TRP A 21 0.43 -3.12 -3.67
N ASP A 22 0.24 -4.08 -4.57
CA ASP A 22 0.47 -3.82 -5.98
C ASP A 22 -0.51 -2.77 -6.48
N THR A 23 -1.51 -2.50 -5.65
CA THR A 23 -2.52 -1.51 -5.99
C THR A 23 -1.98 -0.10 -5.77
N CYS A 24 -1.52 0.13 -4.55
CA CYS A 24 -0.98 1.43 -4.19
C CYS A 24 0.50 1.47 -4.59
N SER A 25 1.26 0.53 -4.05
CA SER A 25 2.67 0.45 -4.35
C SER A 25 2.88 -0.16 -5.74
N GLY A 26 2.20 0.42 -6.71
CA GLY A 26 2.29 -0.06 -8.08
C GLY A 26 2.57 1.10 -9.04
N GLY A 27 2.71 2.28 -8.47
CA GLY A 27 2.97 3.48 -9.26
C GLY A 27 1.68 4.21 -9.58
N THR A 28 0.61 3.45 -9.70
CA THR A 28 -0.69 4.02 -10.00
C THR A 28 -1.75 3.49 -9.03
N GLY A 29 -3.01 3.74 -9.37
CA GLY A 29 -4.11 3.29 -8.54
C GLY A 29 -4.42 4.30 -7.44
N ASN A 30 -4.49 3.79 -6.22
CA ASN A 30 -4.77 4.64 -5.07
C ASN A 30 -3.51 4.82 -4.25
N CYS A 31 -2.38 4.79 -4.95
CA CYS A 31 -1.09 4.95 -4.29
C CYS A 31 -1.12 6.26 -3.49
N GLY A 32 -0.35 6.26 -2.41
CA GLY A 32 -0.27 7.44 -1.56
C GLY A 32 0.16 7.06 -0.14
N THR A 33 0.07 8.04 0.75
CA THR A 33 0.44 7.81 2.14
C THR A 33 -0.74 7.23 2.92
N VAL A 34 -1.88 7.15 2.25
CA VAL A 34 -3.08 6.60 2.87
C VAL A 34 -3.04 5.08 2.79
N CYS A 35 -2.45 4.59 1.71
CA CYS A 35 -2.35 3.15 1.51
C CYS A 35 -1.46 2.57 2.62
N CYS A 36 -0.66 3.45 3.21
CA CYS A 36 0.22 3.05 4.28
C CYS A 36 -0.61 2.36 5.36
N GLY A 37 -1.27 3.18 6.17
CA GLY A 37 -2.10 2.66 7.24
C GLY A 37 -3.50 2.32 6.73
N GLN A 38 -3.54 1.57 5.63
CA GLN A 38 -4.81 1.18 5.04
C GLN A 38 -4.92 -0.35 5.01
N CYS A 39 -3.96 -0.96 4.32
CA CYS A 39 -3.94 -2.41 4.21
C CYS A 39 -2.72 -2.94 4.96
N PHE A 40 -1.83 -2.02 5.28
CA PHE A 40 -0.62 -2.37 6.01
C PHE A 40 -0.35 -1.38 7.14
N SER A 41 0.67 -1.70 7.93
CA SER A 41 1.04 -0.86 9.05
C SER A 41 2.57 -0.82 9.19
N PHE A 42 3.04 0.24 9.85
CA PHE A 42 4.47 0.41 10.06
C PHE A 42 5.07 -0.82 10.74
N PRO A 43 6.40 -1.02 10.50
CA PRO A 43 7.15 -0.09 9.66
C PRO A 43 6.81 -0.30 8.18
N VAL A 44 5.84 -1.15 7.94
CA VAL A 44 5.41 -1.45 6.59
C VAL A 44 4.71 -0.22 6.00
N SER A 45 3.95 0.45 6.84
CA SER A 45 3.23 1.64 6.41
C SER A 45 4.19 2.62 5.73
N GLN A 46 5.47 2.41 5.98
CA GLN A 46 6.49 3.26 5.40
C GLN A 46 6.89 2.74 4.02
N SER A 47 6.77 1.44 3.85
CA SER A 47 7.12 0.81 2.59
C SER A 47 6.09 1.16 1.52
N CYS A 48 4.84 1.20 1.95
CA CYS A 48 3.75 1.52 1.05
C CYS A 48 4.07 2.85 0.37
N ALA A 49 4.02 3.91 1.16
CA ALA A 49 4.32 5.24 0.65
C ALA A 49 5.72 5.26 0.04
N GLY A 50 6.50 4.25 0.41
CA GLY A 50 7.86 4.14 -0.10
C GLY A 50 7.87 3.62 -1.53
N MET A 51 7.39 2.40 -1.70
CA MET A 51 7.34 1.77 -3.01
C MET A 51 6.22 2.38 -3.85
N ALA A 52 5.48 3.30 -3.24
CA ALA A 52 4.38 3.95 -3.93
C ALA A 52 4.94 5.10 -4.78
N ASP A 53 5.94 4.77 -5.58
CA ASP A 53 6.57 5.75 -6.44
C ASP A 53 6.96 6.97 -5.62
N SER A 54 7.61 7.92 -6.29
CA SER A 54 8.05 9.13 -5.64
C SER A 54 7.27 10.33 -6.18
N ASN A 55 7.62 10.71 -7.40
CA ASN A 55 6.95 11.84 -8.05
C ASN A 55 6.23 11.34 -9.30
N ASP A 56 6.47 10.09 -9.63
CA ASP A 56 5.85 9.48 -10.80
C ASP A 56 4.38 9.21 -10.50
N CYS A 57 4.10 8.90 -9.24
CA CYS A 57 2.74 8.61 -8.82
C CYS A 57 1.90 9.87 -9.04
N PRO A 58 0.56 9.64 -9.17
CA PRO A 58 -0.37 10.73 -9.39
C PRO A 58 -0.59 11.53 -8.09
N ASN A 59 0.51 12.03 -7.54
CA ASN A 59 0.45 12.81 -6.32
C ASN A 59 0.06 14.24 -6.66
N ALA A 60 -0.20 15.01 -5.61
CA ALA A 60 -0.58 16.40 -5.78
C ALA A 60 -1.80 16.49 -6.71
N ASP A 1 8.31 -9.00 5.71
CA ASP A 1 7.05 -9.73 5.69
C ASP A 1 5.90 -8.73 5.85
N ILE A 2 5.31 -8.38 4.72
CA ILE A 2 4.20 -7.44 4.71
C ILE A 2 2.89 -8.20 4.98
N GLU A 3 2.84 -9.42 4.46
CA GLU A 3 1.66 -10.25 4.64
C GLU A 3 1.34 -10.40 6.12
N ASP A 4 2.38 -10.32 6.94
CA ASP A 4 2.22 -10.45 8.38
C ASP A 4 1.60 -9.16 8.92
N PHE A 5 1.42 -8.20 8.03
CA PHE A 5 0.85 -6.92 8.41
C PHE A 5 -0.31 -6.54 7.49
N TYR A 6 -0.84 -7.54 6.82
CA TYR A 6 -1.95 -7.33 5.90
C TYR A 6 -3.27 -7.19 6.66
N THR A 7 -3.86 -6.02 6.55
CA THR A 7 -5.12 -5.74 7.22
C THR A 7 -6.28 -5.81 6.23
N SER A 8 -6.84 -7.00 6.10
CA SER A 8 -7.95 -7.21 5.19
C SER A 8 -9.23 -6.63 5.78
N GLU A 9 -9.09 -6.07 6.96
CA GLU A 9 -10.22 -5.46 7.65
C GLU A 9 -10.54 -4.09 7.05
N THR A 10 -9.50 -3.33 6.81
CA THR A 10 -9.65 -2.01 6.24
C THR A 10 -9.24 -2.00 4.76
N CYS A 11 -8.40 -2.97 4.41
CA CYS A 11 -7.93 -3.09 3.05
C CYS A 11 -9.13 -3.40 2.14
N PRO A 12 -9.15 -2.73 0.96
CA PRO A 12 -10.22 -2.93 0.01
C PRO A 12 -10.09 -4.27 -0.71
N TYR A 13 -8.91 -4.85 -0.59
CA TYR A 13 -8.63 -6.13 -1.22
C TYR A 13 -8.42 -7.23 -0.17
N LYS A 14 -8.86 -8.43 -0.53
CA LYS A 14 -8.74 -9.56 0.37
C LYS A 14 -8.25 -10.78 -0.42
N ASN A 15 -7.45 -10.49 -1.44
CA ASN A 15 -6.90 -11.55 -2.27
C ASN A 15 -5.45 -11.83 -1.85
N ASP A 16 -4.71 -10.75 -1.68
CA ASP A 16 -3.31 -10.86 -1.27
C ASP A 16 -2.82 -9.50 -0.78
N SER A 17 -1.80 -9.55 0.07
CA SER A 17 -1.23 -8.33 0.61
C SER A 17 -0.40 -7.62 -0.45
N GLN A 18 0.24 -8.42 -1.30
CA GLN A 18 1.06 -7.89 -2.37
C GLN A 18 0.18 -7.27 -3.45
N LEU A 19 -1.03 -7.78 -3.54
CA LEU A 19 -1.99 -7.29 -4.54
C LEU A 19 -2.30 -5.82 -4.26
N ALA A 20 -2.83 -5.59 -3.07
CA ALA A 20 -3.20 -4.24 -2.66
C ALA A 20 -1.94 -3.36 -2.67
N TRP A 21 -0.81 -3.98 -2.35
CA TRP A 21 0.45 -3.27 -2.32
C TRP A 21 0.81 -2.87 -3.75
N ASP A 22 0.51 -3.78 -4.68
CA ASP A 22 0.78 -3.54 -6.08
C ASP A 22 -0.07 -2.37 -6.58
N THR A 23 -1.05 -2.01 -5.76
CA THR A 23 -1.94 -0.91 -6.10
C THR A 23 -1.38 0.42 -5.57
N CYS A 24 -1.40 0.55 -4.26
CA CYS A 24 -0.90 1.75 -3.62
C CYS A 24 0.61 1.82 -3.84
N SER A 25 1.30 0.86 -3.26
CA SER A 25 2.75 0.80 -3.39
C SER A 25 3.13 0.23 -4.75
N GLY A 26 2.58 0.84 -5.80
CA GLY A 26 2.86 0.41 -7.15
C GLY A 26 3.23 1.59 -8.04
N GLY A 27 2.64 1.60 -9.24
CA GLY A 27 2.90 2.67 -10.19
C GLY A 27 1.72 3.64 -10.26
N THR A 28 0.52 3.06 -10.19
CA THR A 28 -0.69 3.85 -10.25
C THR A 28 -1.71 3.36 -9.21
N GLY A 29 -2.96 3.74 -9.43
CA GLY A 29 -4.03 3.35 -8.52
C GLY A 29 -4.27 4.42 -7.46
N ASN A 30 -4.07 4.02 -6.21
CA ASN A 30 -4.26 4.94 -5.09
C ASN A 30 -3.04 4.86 -4.16
N CYS A 31 -1.91 5.34 -4.67
CA CYS A 31 -0.69 5.33 -3.89
C CYS A 31 -0.67 6.57 -3.00
N GLY A 32 -0.23 6.37 -1.77
CA GLY A 32 -0.17 7.46 -0.81
C GLY A 32 0.24 6.95 0.58
N THR A 33 0.30 7.88 1.51
CA THR A 33 0.67 7.54 2.88
C THR A 33 -0.55 7.01 3.65
N VAL A 34 -1.69 7.06 2.98
CA VAL A 34 -2.93 6.59 3.58
C VAL A 34 -2.94 5.06 3.60
N CYS A 35 -2.47 4.49 2.51
CA CYS A 35 -2.43 3.04 2.39
C CYS A 35 -1.46 2.51 3.44
N CYS A 36 -0.68 3.42 4.01
CA CYS A 36 0.28 3.06 5.04
C CYS A 36 -0.46 2.30 6.14
N GLY A 37 -1.52 2.91 6.63
CA GLY A 37 -2.31 2.31 7.69
C GLY A 37 -3.71 1.96 7.19
N GLN A 38 -3.76 1.48 5.96
CA GLN A 38 -5.03 1.10 5.36
C GLN A 38 -5.02 -0.37 4.96
N CYS A 39 -3.92 -0.78 4.33
CA CYS A 39 -3.77 -2.16 3.90
C CYS A 39 -2.66 -2.80 4.74
N PHE A 40 -1.75 -1.96 5.20
CA PHE A 40 -0.64 -2.43 6.01
C PHE A 40 -0.42 -1.53 7.22
N SER A 41 0.66 -1.79 7.93
CA SER A 41 1.00 -1.01 9.12
C SER A 41 2.51 -0.99 9.31
N PHE A 42 2.97 0.03 10.02
CA PHE A 42 4.39 0.16 10.29
C PHE A 42 4.96 -1.08 10.97
N PRO A 43 6.29 -1.28 10.80
CA PRO A 43 7.10 -0.35 10.02
C PRO A 43 6.84 -0.52 8.53
N VAL A 44 5.84 -1.33 8.21
CA VAL A 44 5.49 -1.59 6.83
C VAL A 44 4.84 -0.34 6.24
N SER A 45 4.03 0.32 7.05
CA SER A 45 3.35 1.53 6.62
C SER A 45 4.35 2.51 6.01
N GLN A 46 5.61 2.32 6.38
CA GLN A 46 6.67 3.18 5.89
C GLN A 46 7.05 2.79 4.45
N SER A 47 6.91 1.49 4.17
CA SER A 47 7.22 0.98 2.85
C SER A 47 6.10 1.32 1.87
N CYS A 48 4.88 1.26 2.38
CA CYS A 48 3.71 1.56 1.56
C CYS A 48 3.92 2.94 0.94
N ALA A 49 4.26 3.90 1.79
CA ALA A 49 4.47 5.27 1.34
C ALA A 49 5.79 5.33 0.56
N GLY A 50 6.66 4.37 0.84
CA GLY A 50 7.94 4.30 0.17
C GLY A 50 7.80 3.82 -1.28
N MET A 51 7.12 2.68 -1.42
CA MET A 51 6.91 2.10 -2.72
C MET A 51 5.65 2.67 -3.37
N ALA A 52 5.27 3.85 -2.92
CA ALA A 52 4.09 4.51 -3.45
C ALA A 52 4.48 5.33 -4.68
N ASP A 53 5.30 4.70 -5.52
CA ASP A 53 5.76 5.36 -6.74
C ASP A 53 6.37 6.71 -6.39
N SER A 54 7.00 7.31 -7.39
CA SER A 54 7.65 8.60 -7.20
C SER A 54 6.76 9.71 -7.77
N ASN A 55 6.95 10.00 -9.05
CA ASN A 55 6.17 11.03 -9.71
C ASN A 55 5.33 10.39 -10.82
N ASP A 56 5.59 9.12 -11.07
CA ASP A 56 4.87 8.39 -12.09
C ASP A 56 3.46 8.05 -11.58
N CYS A 57 3.22 8.42 -10.33
CA CYS A 57 1.93 8.18 -9.72
C CYS A 57 0.98 9.31 -10.13
N PRO A 58 -0.34 8.98 -10.09
CA PRO A 58 -1.36 9.96 -10.46
C PRO A 58 -1.54 11.00 -9.35
N ASN A 59 -0.44 11.65 -9.00
CA ASN A 59 -0.46 12.67 -7.96
C ASN A 59 -0.41 14.05 -8.62
N ALA A 60 -0.66 15.06 -7.80
CA ALA A 60 -0.64 16.43 -8.27
C ALA A 60 -1.41 16.52 -9.60
N ASP A 1 8.43 -9.05 5.67
CA ASP A 1 7.19 -9.67 5.25
C ASP A 1 6.02 -8.71 5.51
N ILE A 2 5.34 -8.36 4.43
CA ILE A 2 4.21 -7.45 4.52
C ILE A 2 2.93 -8.26 4.82
N GLU A 3 2.89 -9.45 4.25
CA GLU A 3 1.74 -10.32 4.44
C GLU A 3 1.47 -10.53 5.94
N ASP A 4 2.54 -10.44 6.72
CA ASP A 4 2.43 -10.61 8.16
C ASP A 4 1.81 -9.36 8.77
N PHE A 5 1.68 -8.33 7.94
CA PHE A 5 1.10 -7.07 8.38
C PHE A 5 -0.08 -6.67 7.49
N TYR A 6 -0.63 -7.66 6.81
CA TYR A 6 -1.76 -7.43 5.93
C TYR A 6 -3.06 -7.31 6.73
N THR A 7 -3.68 -6.15 6.61
CA THR A 7 -4.93 -5.89 7.31
C THR A 7 -6.12 -5.96 6.34
N SER A 8 -6.62 -7.17 6.16
CA SER A 8 -7.75 -7.38 5.27
C SER A 8 -9.03 -6.82 5.88
N GLU A 9 -8.88 -6.30 7.09
CA GLU A 9 -10.01 -5.72 7.81
C GLU A 9 -10.32 -4.33 7.26
N THR A 10 -9.28 -3.52 7.16
CA THR A 10 -9.43 -2.16 6.65
C THR A 10 -9.07 -2.11 5.17
N CYS A 11 -8.24 -3.06 4.75
CA CYS A 11 -7.80 -3.13 3.37
C CYS A 11 -9.03 -3.38 2.49
N PRO A 12 -9.08 -2.65 1.34
CA PRO A 12 -10.19 -2.79 0.41
C PRO A 12 -10.08 -4.09 -0.38
N TYR A 13 -8.93 -4.75 -0.22
CA TYR A 13 -8.69 -6.01 -0.92
C TYR A 13 -8.61 -7.16 0.08
N LYS A 14 -9.03 -8.33 -0.40
CA LYS A 14 -8.99 -9.53 0.43
C LYS A 14 -8.47 -10.71 -0.39
N ASN A 15 -7.58 -10.39 -1.32
CA ASN A 15 -6.99 -11.40 -2.18
C ASN A 15 -5.58 -11.72 -1.69
N ASP A 16 -4.78 -10.67 -1.55
CA ASP A 16 -3.41 -10.83 -1.09
C ASP A 16 -2.85 -9.46 -0.68
N SER A 17 -1.76 -9.50 0.05
CA SER A 17 -1.12 -8.28 0.51
C SER A 17 -0.32 -7.65 -0.63
N GLN A 18 0.12 -8.50 -1.55
CA GLN A 18 0.90 -8.04 -2.69
C GLN A 18 -0.02 -7.32 -3.70
N LEU A 19 -1.27 -7.75 -3.72
CA LEU A 19 -2.24 -7.16 -4.61
C LEU A 19 -2.47 -5.70 -4.23
N ALA A 20 -3.02 -5.50 -3.05
CA ALA A 20 -3.28 -4.16 -2.55
C ALA A 20 -1.98 -3.35 -2.56
N TRP A 21 -0.89 -4.04 -2.28
CA TRP A 21 0.41 -3.40 -2.26
C TRP A 21 0.78 -3.03 -3.70
N ASP A 22 0.43 -3.92 -4.61
CA ASP A 22 0.72 -3.71 -6.02
C ASP A 22 -0.17 -2.57 -6.55
N THR A 23 -1.14 -2.20 -5.74
CA THR A 23 -2.06 -1.13 -6.11
C THR A 23 -1.50 0.22 -5.68
N CYS A 24 -1.47 0.42 -4.37
CA CYS A 24 -0.96 1.66 -3.82
C CYS A 24 0.56 1.68 -3.97
N SER A 25 1.19 0.68 -3.38
CA SER A 25 2.64 0.56 -3.45
C SER A 25 3.06 0.02 -4.82
N GLY A 26 2.57 0.68 -5.86
CA GLY A 26 2.89 0.28 -7.21
C GLY A 26 3.28 1.49 -8.07
N GLY A 27 2.59 1.64 -9.18
CA GLY A 27 2.85 2.74 -10.10
C GLY A 27 1.76 3.79 -10.01
N THR A 28 0.53 3.35 -10.22
CA THR A 28 -0.62 4.24 -10.17
C THR A 28 -1.71 3.65 -9.27
N GLY A 29 -2.95 4.04 -9.58
CA GLY A 29 -4.09 3.56 -8.81
C GLY A 29 -4.44 4.53 -7.69
N ASN A 30 -4.20 4.08 -6.46
CA ASN A 30 -4.48 4.90 -5.29
C ASN A 30 -3.23 4.96 -4.40
N CYS A 31 -2.11 5.25 -5.04
CA CYS A 31 -0.85 5.35 -4.33
C CYS A 31 -0.90 6.59 -3.44
N GLY A 32 -0.66 6.36 -2.15
CA GLY A 32 -0.67 7.45 -1.18
C GLY A 32 -0.13 6.98 0.17
N THR A 33 -0.05 7.93 1.10
CA THR A 33 0.45 7.63 2.43
C THR A 33 -0.69 7.12 3.31
N VAL A 34 -1.88 7.11 2.74
CA VAL A 34 -3.05 6.65 3.47
C VAL A 34 -3.10 5.12 3.44
N CYS A 35 -2.67 4.57 2.31
CA CYS A 35 -2.66 3.13 2.14
C CYS A 35 -1.70 2.53 3.17
N CYS A 36 -0.91 3.41 3.77
CA CYS A 36 0.05 2.98 4.78
C CYS A 36 -0.68 2.17 5.85
N GLY A 37 -1.34 2.90 6.74
CA GLY A 37 -2.08 2.27 7.82
C GLY A 37 -3.51 1.94 7.37
N GLN A 38 -3.61 1.42 6.16
CA GLN A 38 -4.90 1.06 5.61
C GLN A 38 -4.91 -0.42 5.19
N CYS A 39 -3.84 -0.81 4.51
CA CYS A 39 -3.71 -2.18 4.05
C CYS A 39 -2.59 -2.85 4.85
N PHE A 40 -1.65 -2.03 5.30
CA PHE A 40 -0.53 -2.53 6.08
C PHE A 40 -0.27 -1.63 7.30
N SER A 41 0.77 -1.99 8.04
CA SER A 41 1.13 -1.24 9.23
C SER A 41 2.65 -1.13 9.33
N PHE A 42 3.10 -0.11 10.05
CA PHE A 42 4.53 0.10 10.24
C PHE A 42 5.19 -1.14 10.82
N PRO A 43 6.52 -1.27 10.54
CA PRO A 43 7.22 -0.26 9.75
C PRO A 43 6.86 -0.38 8.27
N VAL A 44 5.88 -1.24 7.99
CA VAL A 44 5.44 -1.46 6.63
C VAL A 44 4.67 -0.22 6.15
N SER A 45 3.91 0.36 7.06
CA SER A 45 3.13 1.54 6.73
C SER A 45 4.03 2.61 6.11
N GLN A 46 5.32 2.46 6.34
CA GLN A 46 6.30 3.39 5.82
C GLN A 46 6.73 2.98 4.40
N SER A 47 6.57 1.70 4.13
CA SER A 47 6.94 1.16 2.82
C SER A 47 5.89 1.55 1.78
N CYS A 48 4.63 1.52 2.22
CA CYS A 48 3.53 1.86 1.34
C CYS A 48 3.81 3.23 0.73
N ALA A 49 3.82 4.24 1.60
CA ALA A 49 4.08 5.60 1.15
C ALA A 49 5.41 5.65 0.42
N GLY A 50 6.23 4.62 0.66
CA GLY A 50 7.53 4.55 0.03
C GLY A 50 7.42 4.00 -1.39
N MET A 51 6.87 2.81 -1.49
CA MET A 51 6.70 2.17 -2.79
C MET A 51 5.40 2.61 -3.46
N ALA A 52 4.89 3.74 -3.00
CA ALA A 52 3.66 4.30 -3.54
C ALA A 52 3.98 5.15 -4.77
N ASP A 53 5.19 4.96 -5.27
CA ASP A 53 5.63 5.71 -6.44
C ASP A 53 5.63 7.20 -6.12
N SER A 54 6.66 7.89 -6.59
CA SER A 54 6.78 9.32 -6.36
C SER A 54 6.54 10.08 -7.67
N ASN A 55 7.61 10.17 -8.45
CA ASN A 55 7.53 10.87 -9.73
C ASN A 55 7.00 9.90 -10.80
N ASP A 56 6.87 8.65 -10.40
CA ASP A 56 6.37 7.63 -11.32
C ASP A 56 4.85 7.50 -11.15
N CYS A 57 4.36 8.07 -10.07
CA CYS A 57 2.94 8.03 -9.77
C CYS A 57 2.25 9.15 -10.55
N PRO A 58 0.90 9.03 -10.67
CA PRO A 58 0.12 10.03 -11.38
C PRO A 58 -0.03 11.30 -10.54
N ASN A 59 1.11 11.86 -10.15
CA ASN A 59 1.12 13.06 -9.35
C ASN A 59 1.44 14.26 -10.25
N ALA A 60 1.29 15.44 -9.68
CA ALA A 60 1.56 16.67 -10.42
C ALA A 60 1.03 16.53 -11.85
N ASP A 1 7.01 -10.28 4.72
CA ASP A 1 7.21 -9.33 5.80
C ASP A 1 6.01 -8.38 5.88
N ILE A 2 5.47 -8.07 4.70
CA ILE A 2 4.32 -7.18 4.62
C ILE A 2 3.05 -7.95 4.98
N GLU A 3 2.96 -9.16 4.45
CA GLU A 3 1.80 -10.00 4.71
C GLU A 3 1.58 -10.14 6.22
N ASP A 4 2.66 -9.96 6.97
CA ASP A 4 2.60 -10.07 8.42
C ASP A 4 1.93 -8.80 8.99
N PHE A 5 1.60 -7.89 8.08
CA PHE A 5 0.96 -6.65 8.48
C PHE A 5 -0.21 -6.31 7.56
N TYR A 6 -0.72 -7.35 6.90
CA TYR A 6 -1.84 -7.19 5.99
C TYR A 6 -3.16 -7.07 6.76
N THR A 7 -3.80 -5.93 6.62
CA THR A 7 -5.07 -5.69 7.28
C THR A 7 -6.22 -5.80 6.29
N SER A 8 -6.75 -7.02 6.18
CA SER A 8 -7.86 -7.28 5.29
C SER A 8 -9.16 -6.71 5.87
N GLU A 9 -9.03 -6.12 7.06
CA GLU A 9 -10.17 -5.54 7.73
C GLU A 9 -10.54 -4.20 7.11
N THR A 10 -9.52 -3.36 6.96
CA THR A 10 -9.71 -2.04 6.38
C THR A 10 -9.32 -2.04 4.90
N CYS A 11 -8.46 -2.98 4.55
CA CYS A 11 -8.01 -3.11 3.18
C CYS A 11 -9.21 -3.48 2.30
N PRO A 12 -9.29 -2.81 1.11
CA PRO A 12 -10.37 -3.07 0.19
C PRO A 12 -10.18 -4.41 -0.53
N TYR A 13 -9.07 -5.05 -0.24
CA TYR A 13 -8.75 -6.33 -0.84
C TYR A 13 -8.66 -7.43 0.22
N LYS A 14 -8.95 -8.65 -0.21
CA LYS A 14 -8.90 -9.79 0.69
C LYS A 14 -8.41 -11.03 -0.08
N ASN A 15 -7.57 -10.77 -1.07
CA ASN A 15 -7.04 -11.84 -1.89
C ASN A 15 -5.57 -12.06 -1.53
N ASP A 16 -4.83 -10.96 -1.47
CA ASP A 16 -3.42 -11.01 -1.14
C ASP A 16 -2.92 -9.62 -0.79
N SER A 17 -1.92 -9.58 0.07
CA SER A 17 -1.35 -8.30 0.50
C SER A 17 -0.61 -7.64 -0.66
N GLN A 18 0.01 -8.48 -1.49
CA GLN A 18 0.74 -8.00 -2.64
C GLN A 18 -0.20 -7.33 -3.63
N LEU A 19 -1.40 -7.88 -3.72
CA LEU A 19 -2.41 -7.35 -4.63
C LEU A 19 -2.67 -5.89 -4.29
N ALA A 20 -3.18 -5.67 -3.09
CA ALA A 20 -3.48 -4.32 -2.63
C ALA A 20 -2.22 -3.46 -2.72
N TRP A 21 -1.09 -4.09 -2.41
CA TRP A 21 0.19 -3.40 -2.46
C TRP A 21 0.46 -3.00 -3.91
N ASP A 22 0.11 -3.90 -4.81
CA ASP A 22 0.30 -3.67 -6.22
C ASP A 22 -0.63 -2.55 -6.68
N THR A 23 -1.58 -2.22 -5.82
CA THR A 23 -2.54 -1.18 -6.13
C THR A 23 -2.01 0.18 -5.68
N CYS A 24 -1.56 0.23 -4.43
CA CYS A 24 -1.03 1.46 -3.87
C CYS A 24 0.45 1.54 -4.21
N SER A 25 1.23 0.70 -3.54
CA SER A 25 2.66 0.66 -3.77
C SER A 25 2.98 -0.15 -5.03
N GLY A 26 2.30 0.22 -6.11
CA GLY A 26 2.50 -0.46 -7.38
C GLY A 26 2.85 0.53 -8.49
N GLY A 27 3.03 1.78 -8.08
CA GLY A 27 3.37 2.83 -9.02
C GLY A 27 2.13 3.64 -9.43
N THR A 28 1.01 2.94 -9.44
CA THR A 28 -0.26 3.57 -9.80
C THR A 28 -1.35 3.21 -8.78
N GLY A 29 -2.57 3.15 -9.28
CA GLY A 29 -3.71 2.82 -8.43
C GLY A 29 -4.01 3.96 -7.45
N ASN A 30 -4.31 3.58 -6.22
CA ASN A 30 -4.62 4.55 -5.19
C ASN A 30 -3.42 4.71 -4.26
N CYS A 31 -2.24 4.74 -4.88
CA CYS A 31 -1.00 4.90 -4.13
C CYS A 31 -1.09 6.20 -3.33
N GLY A 32 -0.48 6.16 -2.15
CA GLY A 32 -0.48 7.33 -1.28
C GLY A 32 0.06 6.98 0.11
N THR A 33 0.06 7.98 0.98
CA THR A 33 0.55 7.79 2.34
C THR A 33 -0.57 7.25 3.23
N VAL A 34 -1.76 7.17 2.65
CA VAL A 34 -2.91 6.67 3.39
C VAL A 34 -2.90 5.14 3.37
N CYS A 35 -2.49 4.59 2.24
CA CYS A 35 -2.43 3.15 2.10
C CYS A 35 -1.42 2.60 3.11
N CYS A 36 -0.63 3.52 3.66
CA CYS A 36 0.37 3.14 4.64
C CYS A 36 -0.32 2.40 5.78
N GLY A 37 -1.29 3.06 6.37
CA GLY A 37 -2.04 2.48 7.47
C GLY A 37 -3.47 2.15 7.06
N GLN A 38 -3.58 1.60 5.85
CA GLN A 38 -4.88 1.23 5.32
C GLN A 38 -4.91 -0.27 4.98
N CYS A 39 -3.88 -0.70 4.28
CA CYS A 39 -3.78 -2.10 3.89
C CYS A 39 -2.63 -2.74 4.68
N PHE A 40 -1.72 -1.90 5.12
CA PHE A 40 -0.58 -2.36 5.89
C PHE A 40 -0.31 -1.44 7.09
N SER A 41 0.73 -1.78 7.83
CA SER A 41 1.09 -1.00 9.00
C SER A 41 2.62 -0.97 9.16
N PHE A 42 3.09 0.05 9.86
CA PHE A 42 4.52 0.19 10.08
C PHE A 42 5.12 -1.07 10.70
N PRO A 43 6.44 -1.26 10.46
CA PRO A 43 7.19 -0.32 9.65
C PRO A 43 6.86 -0.46 8.17
N VAL A 44 5.85 -1.29 7.90
CA VAL A 44 5.42 -1.52 6.53
C VAL A 44 4.73 -0.26 6.00
N SER A 45 3.99 0.39 6.89
CA SER A 45 3.28 1.60 6.52
C SER A 45 4.23 2.60 5.85
N GLN A 46 5.52 2.37 6.06
CA GLN A 46 6.53 3.23 5.49
C GLN A 46 6.92 2.74 4.10
N SER A 47 6.76 1.43 3.89
CA SER A 47 7.09 0.83 2.61
C SER A 47 6.04 1.23 1.57
N CYS A 48 4.80 1.27 2.01
CA CYS A 48 3.71 1.64 1.12
C CYS A 48 4.04 2.98 0.47
N ALA A 49 4.02 4.03 1.29
CA ALA A 49 4.33 5.36 0.80
C ALA A 49 5.70 5.36 0.13
N GLY A 50 6.49 4.34 0.47
CA GLY A 50 7.82 4.21 -0.09
C GLY A 50 7.76 3.71 -1.53
N MET A 51 7.12 2.56 -1.70
CA MET A 51 6.98 1.96 -3.02
C MET A 51 5.77 2.54 -3.76
N ALA A 52 5.27 3.65 -3.24
CA ALA A 52 4.12 4.31 -3.84
C ALA A 52 4.61 5.34 -4.86
N ASP A 53 5.74 5.04 -5.47
CA ASP A 53 6.31 5.93 -6.46
C ASP A 53 6.61 7.28 -5.82
N SER A 54 7.44 8.06 -6.50
CA SER A 54 7.81 9.38 -6.00
C SER A 54 6.96 10.45 -6.69
N ASN A 55 7.32 10.75 -7.93
CA ASN A 55 6.60 11.75 -8.70
C ASN A 55 5.92 11.07 -9.89
N ASP A 56 6.23 9.79 -10.05
CA ASP A 56 5.64 9.03 -11.15
C ASP A 56 4.18 8.72 -10.83
N CYS A 57 3.88 8.67 -9.54
CA CYS A 57 2.53 8.40 -9.09
C CYS A 57 1.67 9.65 -9.32
N PRO A 58 0.34 9.44 -9.30
CA PRO A 58 -0.60 10.54 -9.51
C PRO A 58 -0.67 11.42 -8.26
N ASN A 59 0.48 11.92 -7.85
CA ASN A 59 0.56 12.78 -6.68
C ASN A 59 0.62 14.24 -7.13
N ALA A 60 0.12 15.11 -6.27
CA ALA A 60 0.11 16.54 -6.57
C ALA A 60 -0.42 17.30 -5.35
#